data_1AMU
#
_entry.id   1AMU
#
_cell.length_a   61.680
_cell.length_b   154.770
_cell.length_c   65.300
_cell.angle_alpha   90.00
_cell.angle_beta   93.91
_cell.angle_gamma   90.00
#
_symmetry.space_group_name_H-M   'P 1 21 1'
#
loop_
_entity.id
_entity.type
_entity.pdbx_description
1 polymer 'GRAMICIDIN SYNTHETASE 1'
2 non-polymer 'MAGNESIUM ION'
3 non-polymer 'SULFATE ION'
4 non-polymer PHENYLALANINE
5 non-polymer 'ADENOSINE MONOPHOSPHATE'
6 water water
#
_entity_poly.entity_id   1
_entity_poly.type   'polypeptide(L)'
_entity_poly.pdbx_seq_one_letter_code
;MVNSSKSILIHAQNKNGTHEEEQYLFAVNNTKAEYPRDKTIHQLFEEQVSKRPNNVAIVCENEQLTYHELNVKANQLARI
FIEKGIGKDTLVGIMMEKSIDLFIGILAVLKAGGAYVPIDIEYPKERIQYILDDSQARMLLTQKHLVHLIHNIQFNGQVE
IFEEDTIKIREGTNLHVPSKSTDLAYVIYTSGTTGNPKGTMLEHKGISNLKVFFENSLNVTEKDRIGQFASISFDASVWE
MFMALLTGASLYIILKDTINDFVKFEQYINQKEITVITLPPTYVVHLDPERILSIQTLITAGSATSPSLVNKWKEKVTYI
NAYGPTETTICATTWVATKETIGHSVPIGAPIQNTQIYIVDENLQLKSVGEAGELCIGGEGLARGYWKRPELTSQKFVDN
PFVPGEKLYKTGDQARWLSDGNIEYLGRIDNQVKIRGHRVELEEVESILLKHMYISETAVSVHKDHQEQPYLCAYFVSEK
HIPLEQLRQFSSEELPTYMIPSYFIQLDKMPLTSNGKIDRKQLPEPDLTFGMRVDYEAPRNEIEETLVTIWQDVLGSHHH
HHH
;
_entity_poly.pdbx_strand_id   A,B
#
loop_
_chem_comp.id
_chem_comp.type
_chem_comp.name
_chem_comp.formula
AMP non-polymer 'ADENOSINE MONOPHOSPHATE' 'C10 H14 N5 O7 P'
MG non-polymer 'MAGNESIUM ION' 'Mg 2'
SO4 non-polymer 'SULFATE ION' 'O4 S -2'
#
# COMPACT_ATOMS: atom_id res chain seq x y z
N GLY A 17 35.43 -46.21 12.84
CA GLY A 17 35.14 -45.66 11.53
C GLY A 17 34.61 -44.24 11.60
N THR A 18 34.88 -43.45 10.56
CA THR A 18 34.50 -42.05 10.53
C THR A 18 33.29 -41.75 9.63
N HIS A 19 32.92 -42.70 8.76
CA HIS A 19 31.75 -42.56 7.90
C HIS A 19 31.81 -41.29 7.06
N GLU A 20 32.92 -41.12 6.35
CA GLU A 20 33.15 -39.90 5.58
C GLU A 20 32.20 -39.74 4.41
N GLU A 21 32.03 -40.80 3.61
CA GLU A 21 31.18 -40.78 2.43
C GLU A 21 29.76 -40.40 2.78
N GLU A 22 29.24 -41.00 3.84
CA GLU A 22 27.90 -40.73 4.31
C GLU A 22 27.77 -39.28 4.78
N GLN A 23 28.80 -38.79 5.47
CA GLN A 23 28.78 -37.41 5.93
C GLN A 23 28.86 -36.44 4.75
N TYR A 24 29.68 -36.77 3.75
CA TYR A 24 29.76 -35.94 2.55
C TYR A 24 28.37 -35.82 1.91
N LEU A 25 27.68 -36.94 1.77
CA LEU A 25 26.37 -36.96 1.14
C LEU A 25 25.32 -36.12 1.89
N PHE A 26 25.60 -35.81 3.15
CA PHE A 26 24.74 -34.91 3.90
C PHE A 26 25.25 -33.48 3.87
N ALA A 27 26.57 -33.31 3.86
CA ALA A 27 27.18 -31.99 3.83
C ALA A 27 26.77 -31.25 2.55
N VAL A 28 26.58 -32.00 1.46
CA VAL A 28 26.19 -31.40 0.18
C VAL A 28 24.78 -30.80 0.25
N ASN A 29 24.03 -31.16 1.28
CA ASN A 29 22.68 -30.63 1.48
C ASN A 29 22.61 -29.54 2.55
N ASN A 30 23.77 -29.04 2.99
CA ASN A 30 23.78 -27.92 3.94
C ASN A 30 23.52 -26.64 3.15
N THR A 31 22.25 -26.38 2.87
CA THR A 31 21.85 -25.28 2.00
C THR A 31 20.86 -24.31 2.67
N LYS A 32 20.67 -24.46 3.98
CA LYS A 32 19.71 -23.64 4.71
C LYS A 32 20.06 -22.16 4.56
N ALA A 33 19.05 -21.34 4.35
CA ALA A 33 19.25 -19.90 4.21
C ALA A 33 17.97 -19.20 4.63
N GLU A 34 18.11 -17.99 5.18
CA GLU A 34 16.96 -17.23 5.62
C GLU A 34 16.19 -16.75 4.40
N TYR A 35 14.87 -16.80 4.49
CA TYR A 35 14.01 -16.33 3.42
C TYR A 35 12.65 -16.03 4.04
N PRO A 36 11.83 -15.17 3.40
CA PRO A 36 10.50 -14.80 3.92
C PRO A 36 9.50 -15.96 3.86
N ARG A 37 9.69 -16.94 4.74
CA ARG A 37 8.86 -18.15 4.73
C ARG A 37 7.40 -17.94 5.07
N ASP A 38 7.07 -16.80 5.67
CA ASP A 38 5.69 -16.50 6.04
C ASP A 38 5.02 -15.48 5.10
N LYS A 39 5.73 -15.07 4.07
CA LYS A 39 5.20 -14.09 3.13
C LYS A 39 4.69 -14.72 1.84
N THR A 40 3.68 -14.09 1.25
CA THR A 40 3.13 -14.56 -0.02
C THR A 40 3.80 -13.83 -1.17
N ILE A 41 3.56 -14.30 -2.39
CA ILE A 41 4.12 -13.70 -3.58
C ILE A 41 3.66 -12.25 -3.71
N HIS A 42 2.36 -12.00 -3.57
CA HIS A 42 1.85 -10.63 -3.68
C HIS A 42 2.37 -9.74 -2.57
N GLN A 43 2.50 -10.28 -1.37
CA GLN A 43 3.08 -9.51 -0.27
C GLN A 43 4.48 -9.06 -0.67
N LEU A 44 5.28 -9.99 -1.20
CA LEU A 44 6.64 -9.68 -1.62
C LEU A 44 6.64 -8.66 -2.76
N PHE A 45 5.69 -8.79 -3.70
CA PHE A 45 5.58 -7.82 -4.79
C PHE A 45 5.25 -6.43 -4.24
N GLU A 46 4.30 -6.38 -3.31
CA GLU A 46 3.85 -5.14 -2.67
C GLU A 46 4.98 -4.45 -1.89
N GLU A 47 5.81 -5.24 -1.22
CA GLU A 47 6.94 -4.68 -0.49
C GLU A 47 7.98 -4.11 -1.45
N GLN A 48 8.03 -4.64 -2.67
CA GLN A 48 8.92 -4.11 -3.70
C GLN A 48 8.33 -2.83 -4.31
N VAL A 49 7.02 -2.81 -4.50
CA VAL A 49 6.35 -1.63 -5.01
C VAL A 49 6.59 -0.48 -4.06
N SER A 50 6.52 -0.77 -2.76
CA SER A 50 6.71 0.23 -1.73
C SER A 50 8.14 0.80 -1.74
N LYS A 51 9.12 -0.05 -2.01
CA LYS A 51 10.52 0.39 -2.06
C LYS A 51 10.80 1.30 -3.23
N ARG A 52 10.33 0.93 -4.41
CA ARG A 52 10.56 1.72 -5.61
C ARG A 52 9.30 1.68 -6.47
N PRO A 53 8.27 2.47 -6.10
CA PRO A 53 7.01 2.49 -6.83
C PRO A 53 7.12 2.99 -8.26
N ASN A 54 8.14 3.81 -8.52
CA ASN A 54 8.30 4.42 -9.83
C ASN A 54 9.28 3.70 -10.76
N ASN A 55 9.75 2.52 -10.35
CA ASN A 55 10.59 1.67 -11.19
C ASN A 55 9.69 1.08 -12.27
N VAL A 56 10.23 0.86 -13.46
CA VAL A 56 9.47 0.19 -14.51
C VAL A 56 9.30 -1.27 -14.10
N ALA A 57 8.06 -1.76 -14.12
CA ALA A 57 7.79 -3.13 -13.74
C ALA A 57 7.68 -4.03 -14.97
N ILE A 58 6.94 -3.57 -15.98
CA ILE A 58 6.66 -4.42 -17.12
C ILE A 58 6.55 -3.65 -18.42
N VAL A 59 7.19 -4.17 -19.46
CA VAL A 59 7.23 -3.56 -20.79
C VAL A 59 6.71 -4.53 -21.85
N CYS A 60 5.86 -4.03 -22.74
CA CYS A 60 5.35 -4.82 -23.85
C CYS A 60 5.20 -3.92 -25.07
N GLU A 61 6.11 -4.11 -26.01
CA GLU A 61 6.17 -3.33 -27.24
C GLU A 61 6.37 -1.83 -26.98
N ASN A 62 5.35 -1.00 -27.18
CA ASN A 62 5.51 0.43 -26.91
C ASN A 62 4.84 0.89 -25.61
N GLU A 63 4.38 -0.07 -24.83
CA GLU A 63 3.65 0.21 -23.59
C GLU A 63 4.38 -0.34 -22.36
N GLN A 64 4.20 0.32 -21.22
CA GLN A 64 4.83 -0.10 -19.97
C GLN A 64 4.09 0.42 -18.73
N LEU A 65 4.32 -0.24 -17.60
CA LEU A 65 3.74 0.18 -16.32
C LEU A 65 4.84 0.19 -15.28
N THR A 66 4.75 1.13 -14.35
CA THR A 66 5.68 1.19 -13.23
C THR A 66 5.17 0.20 -12.18
N TYR A 67 5.98 -0.07 -11.16
CA TYR A 67 5.56 -0.96 -10.09
C TYR A 67 4.27 -0.46 -9.45
N HIS A 68 4.18 0.84 -9.22
CA HIS A 68 2.97 1.43 -8.65
C HIS A 68 1.75 1.22 -9.54
N GLU A 69 1.88 1.55 -10.83
CA GLU A 69 0.76 1.41 -11.76
C GLU A 69 0.29 -0.02 -11.87
N LEU A 70 1.24 -0.95 -11.99
CA LEU A 70 0.91 -2.36 -12.07
C LEU A 70 0.21 -2.80 -10.80
N ASN A 71 0.71 -2.34 -9.65
CA ASN A 71 0.13 -2.70 -8.36
C ASN A 71 -1.32 -2.23 -8.25
N VAL A 72 -1.56 -0.97 -8.60
CA VAL A 72 -2.89 -0.40 -8.54
C VAL A 72 -3.90 -1.19 -9.38
N LYS A 73 -3.54 -1.44 -10.64
CA LYS A 73 -4.42 -2.18 -11.53
C LYS A 73 -4.69 -3.60 -11.04
N ALA A 74 -3.68 -4.25 -10.44
CA ALA A 74 -3.84 -5.58 -9.89
C ALA A 74 -4.79 -5.55 -8.68
N ASN A 75 -4.66 -4.52 -7.86
CA ASN A 75 -5.48 -4.36 -6.67
C ASN A 75 -6.94 -4.12 -7.04
N GLN A 76 -7.16 -3.26 -8.03
CA GLN A 76 -8.51 -2.94 -8.52
C GLN A 76 -9.22 -4.19 -9.03
N LEU A 77 -8.57 -4.93 -9.92
CA LEU A 77 -9.16 -6.16 -10.46
C LEU A 77 -9.37 -7.18 -9.35
N ALA A 78 -8.42 -7.28 -8.43
CA ALA A 78 -8.52 -8.22 -7.33
C ALA A 78 -9.78 -7.98 -6.51
N ARG A 79 -10.18 -6.71 -6.39
CA ARG A 79 -11.41 -6.40 -5.65
C ARG A 79 -12.65 -6.95 -6.35
N ILE A 80 -12.60 -7.03 -7.67
CA ILE A 80 -13.71 -7.61 -8.42
C ILE A 80 -13.76 -9.12 -8.18
N PHE A 81 -12.59 -9.74 -8.14
CA PHE A 81 -12.50 -11.18 -7.91
C PHE A 81 -13.08 -11.53 -6.55
N ILE A 82 -12.76 -10.69 -5.55
CA ILE A 82 -13.21 -10.92 -4.19
C ILE A 82 -14.73 -11.00 -4.05
N GLU A 83 -15.42 -10.12 -4.77
CA GLU A 83 -16.87 -10.11 -4.70
C GLU A 83 -17.49 -11.28 -5.43
N LYS A 84 -16.81 -11.75 -6.46
CA LYS A 84 -17.30 -12.86 -7.23
C LYS A 84 -16.89 -14.21 -6.63
N GLY A 85 -16.42 -14.17 -5.39
CA GLY A 85 -16.11 -15.38 -4.66
C GLY A 85 -14.72 -15.97 -4.78
N ILE A 86 -13.77 -15.22 -5.34
CA ILE A 86 -12.40 -15.69 -5.45
C ILE A 86 -11.68 -15.54 -4.11
N GLY A 87 -11.30 -16.66 -3.51
CA GLY A 87 -10.63 -16.66 -2.22
C GLY A 87 -9.64 -17.78 -2.06
N LYS A 88 -9.36 -18.18 -0.82
CA LYS A 88 -8.36 -19.20 -0.50
C LYS A 88 -8.46 -20.49 -1.33
N ASP A 89 -7.41 -20.74 -2.12
CA ASP A 89 -7.29 -21.93 -2.96
C ASP A 89 -8.32 -22.06 -4.09
N THR A 90 -9.02 -20.96 -4.38
CA THR A 90 -9.95 -20.94 -5.51
C THR A 90 -9.08 -20.91 -6.76
N LEU A 91 -9.40 -21.75 -7.74
CA LEU A 91 -8.63 -21.77 -8.97
C LEU A 91 -9.29 -20.89 -10.02
N VAL A 92 -8.49 -20.01 -10.62
CA VAL A 92 -8.96 -19.12 -11.67
C VAL A 92 -8.16 -19.38 -12.93
N GLY A 93 -8.83 -19.94 -13.94
CA GLY A 93 -8.17 -20.17 -15.21
C GLY A 93 -7.92 -18.83 -15.87
N ILE A 94 -6.76 -18.68 -16.50
CA ILE A 94 -6.45 -17.44 -17.20
C ILE A 94 -6.09 -17.81 -18.64
N MET A 95 -6.77 -17.17 -19.58
CA MET A 95 -6.57 -17.42 -20.99
C MET A 95 -6.51 -16.07 -21.68
N MET A 96 -5.33 -15.47 -21.71
CA MET A 96 -5.16 -14.14 -22.28
C MET A 96 -3.95 -14.07 -23.18
N GLU A 97 -3.98 -13.13 -24.11
CA GLU A 97 -2.85 -12.91 -25.02
C GLU A 97 -1.63 -12.54 -24.19
N LYS A 98 -0.46 -12.91 -24.68
CA LYS A 98 0.78 -12.55 -24.02
C LYS A 98 0.81 -11.02 -24.08
N SER A 99 0.64 -10.40 -22.92
CA SER A 99 0.53 -8.95 -22.83
C SER A 99 0.67 -8.51 -21.37
N ILE A 100 0.68 -7.19 -21.16
CA ILE A 100 0.74 -6.64 -19.81
C ILE A 100 -0.50 -7.03 -19.02
N ASP A 101 -1.65 -7.04 -19.69
CA ASP A 101 -2.91 -7.40 -19.05
C ASP A 101 -2.91 -8.79 -18.43
N LEU A 102 -2.23 -9.73 -19.08
CA LEU A 102 -2.11 -11.10 -18.57
C LEU A 102 -1.50 -11.11 -17.17
N PHE A 103 -0.47 -10.31 -16.98
CA PHE A 103 0.24 -10.24 -15.71
C PHE A 103 -0.51 -9.46 -14.63
N ILE A 104 -1.32 -8.48 -15.05
CA ILE A 104 -2.20 -7.78 -14.12
C ILE A 104 -3.18 -8.82 -13.57
N GLY A 105 -3.68 -9.68 -14.47
CA GLY A 105 -4.61 -10.72 -14.08
C GLY A 105 -4.03 -11.71 -13.09
N ILE A 106 -2.82 -12.18 -13.35
CA ILE A 106 -2.14 -13.14 -12.47
C ILE A 106 -2.01 -12.54 -11.07
N LEU A 107 -1.47 -11.33 -11.00
CA LEU A 107 -1.29 -10.64 -9.73
C LEU A 107 -2.63 -10.42 -9.02
N ALA A 108 -3.66 -10.09 -9.79
CA ALA A 108 -4.99 -9.88 -9.24
C ALA A 108 -5.54 -11.15 -8.60
N VAL A 109 -5.32 -12.29 -9.25
CA VAL A 109 -5.77 -13.56 -8.68
C VAL A 109 -5.04 -13.83 -7.36
N LEU A 110 -3.72 -13.65 -7.37
CA LEU A 110 -2.93 -13.86 -6.17
C LEU A 110 -3.36 -12.93 -5.03
N LYS A 111 -3.57 -11.66 -5.35
CA LYS A 111 -4.01 -10.67 -4.37
C LYS A 111 -5.38 -10.99 -3.76
N ALA A 112 -6.26 -11.58 -4.57
CA ALA A 112 -7.59 -11.97 -4.10
C ALA A 112 -7.54 -13.19 -3.18
N GLY A 113 -6.37 -13.81 -3.08
CA GLY A 113 -6.19 -14.97 -2.22
C GLY A 113 -6.36 -16.30 -2.96
N GLY A 114 -6.52 -16.23 -4.28
CA GLY A 114 -6.71 -17.45 -5.05
C GLY A 114 -5.44 -17.89 -5.76
N ALA A 115 -5.57 -18.96 -6.55
CA ALA A 115 -4.46 -19.50 -7.35
C ALA A 115 -4.86 -19.48 -8.83
N TYR A 116 -3.90 -19.27 -9.71
CA TYR A 116 -4.21 -19.22 -11.12
C TYR A 116 -3.78 -20.48 -11.88
N VAL A 117 -4.58 -20.83 -12.89
CA VAL A 117 -4.31 -21.97 -13.75
C VAL A 117 -4.08 -21.37 -15.15
N PRO A 118 -2.82 -21.19 -15.54
CA PRO A 118 -2.51 -20.60 -16.84
C PRO A 118 -2.92 -21.50 -18.00
N ILE A 119 -3.60 -20.94 -18.98
CA ILE A 119 -3.98 -21.69 -20.17
C ILE A 119 -3.48 -20.90 -21.38
N ASP A 120 -2.47 -21.43 -22.06
CA ASP A 120 -1.92 -20.75 -23.22
C ASP A 120 -3.00 -20.71 -24.29
N ILE A 121 -3.19 -19.57 -24.92
CA ILE A 121 -4.23 -19.41 -25.92
C ILE A 121 -3.87 -20.02 -27.27
N GLU A 122 -2.58 -20.32 -27.46
CA GLU A 122 -2.10 -20.96 -28.69
C GLU A 122 -2.41 -22.47 -28.68
N TYR A 123 -3.03 -22.93 -27.59
CA TYR A 123 -3.40 -24.33 -27.37
C TYR A 123 -4.68 -24.77 -28.07
N PRO A 124 -4.81 -26.09 -28.36
CA PRO A 124 -5.99 -26.68 -29.01
C PRO A 124 -7.13 -26.85 -28.00
N LYS A 125 -8.36 -26.91 -28.51
CA LYS A 125 -9.55 -27.04 -27.67
C LYS A 125 -9.46 -28.16 -26.64
N GLU A 126 -9.02 -29.34 -27.09
CA GLU A 126 -8.92 -30.51 -26.23
C GLU A 126 -8.17 -30.25 -24.91
N ARG A 127 -7.05 -29.54 -25.01
CA ARG A 127 -6.21 -29.24 -23.84
C ARG A 127 -6.86 -28.23 -22.90
N ILE A 128 -7.63 -27.30 -23.46
CA ILE A 128 -8.29 -26.27 -22.68
C ILE A 128 -9.41 -26.90 -21.87
N GLN A 129 -10.02 -27.95 -22.43
CA GLN A 129 -11.09 -28.68 -21.76
C GLN A 129 -10.55 -29.57 -20.65
N TYR A 130 -9.37 -30.15 -20.83
CA TYR A 130 -8.81 -31.00 -19.78
C TYR A 130 -8.43 -30.13 -18.59
N ILE A 131 -7.79 -29.01 -18.88
CA ILE A 131 -7.38 -28.08 -17.84
C ILE A 131 -8.61 -27.57 -17.10
N LEU A 132 -9.62 -27.12 -17.86
CA LEU A 132 -10.87 -26.61 -17.31
C LEU A 132 -11.70 -27.67 -16.56
N ASP A 133 -11.79 -28.87 -17.13
CA ASP A 133 -12.55 -29.95 -16.50
C ASP A 133 -11.79 -30.52 -15.29
N ASP A 134 -10.49 -30.75 -15.46
CA ASP A 134 -9.67 -31.30 -14.39
C ASP A 134 -9.57 -30.32 -13.22
N SER A 135 -9.16 -29.09 -13.52
CA SER A 135 -9.01 -28.07 -12.48
C SER A 135 -10.35 -27.70 -11.86
N GLN A 136 -11.41 -27.83 -12.64
CA GLN A 136 -12.77 -27.47 -12.22
C GLN A 136 -12.80 -26.02 -11.74
N ALA A 137 -12.06 -25.16 -12.45
CA ALA A 137 -11.97 -23.75 -12.10
C ALA A 137 -13.33 -23.08 -12.09
N ARG A 138 -13.63 -22.38 -11.00
CA ARG A 138 -14.91 -21.67 -10.87
C ARG A 138 -14.93 -20.40 -11.72
N MET A 139 -13.76 -19.93 -12.14
CA MET A 139 -13.67 -18.72 -12.94
C MET A 139 -12.62 -18.82 -14.05
N LEU A 140 -12.91 -18.18 -15.18
CA LEU A 140 -11.99 -18.12 -16.30
C LEU A 140 -11.84 -16.67 -16.73
N LEU A 141 -10.66 -16.11 -16.48
CA LEU A 141 -10.37 -14.75 -16.91
C LEU A 141 -9.86 -14.82 -18.34
N THR A 142 -10.47 -14.05 -19.22
CA THR A 142 -10.04 -14.02 -20.61
C THR A 142 -10.32 -12.62 -21.16
N GLN A 143 -10.19 -12.46 -22.47
CA GLN A 143 -10.43 -11.18 -23.12
C GLN A 143 -11.57 -11.34 -24.14
N LYS A 144 -12.19 -10.22 -24.51
CA LYS A 144 -13.33 -10.22 -25.42
C LYS A 144 -13.11 -10.97 -26.73
N HIS A 145 -12.00 -10.70 -27.39
CA HIS A 145 -11.70 -11.31 -28.69
C HIS A 145 -11.37 -12.81 -28.65
N LEU A 146 -11.25 -13.38 -27.46
CA LEU A 146 -10.90 -14.79 -27.32
C LEU A 146 -12.05 -15.74 -26.95
N VAL A 147 -13.22 -15.18 -26.68
CA VAL A 147 -14.37 -15.98 -26.24
C VAL A 147 -14.81 -17.11 -27.19
N HIS A 148 -14.47 -17.00 -28.48
CA HIS A 148 -14.81 -18.05 -29.43
C HIS A 148 -14.07 -19.34 -29.11
N LEU A 149 -12.83 -19.20 -28.63
CA LEU A 149 -12.03 -20.35 -28.20
C LEU A 149 -12.80 -21.07 -27.09
N ILE A 150 -13.60 -20.31 -26.35
CA ILE A 150 -14.38 -20.84 -25.24
C ILE A 150 -15.65 -21.58 -25.66
N HIS A 151 -16.22 -21.21 -26.81
CA HIS A 151 -17.43 -21.87 -27.32
C HIS A 151 -17.17 -23.32 -27.77
N ASN A 152 -15.96 -23.81 -27.50
CA ASN A 152 -15.57 -25.17 -27.86
C ASN A 152 -15.37 -26.03 -26.60
N ILE A 153 -16.01 -25.63 -25.51
CA ILE A 153 -15.84 -26.31 -24.23
C ILE A 153 -17.12 -26.25 -23.39
N GLN A 154 -17.30 -27.22 -22.49
CA GLN A 154 -18.46 -27.23 -21.61
C GLN A 154 -18.15 -26.54 -20.28
N PHE A 155 -17.93 -25.23 -20.33
CA PHE A 155 -17.66 -24.45 -19.12
C PHE A 155 -18.99 -23.96 -18.54
N ASN A 156 -19.10 -23.93 -17.22
CA ASN A 156 -20.32 -23.48 -16.56
C ASN A 156 -20.06 -22.35 -15.55
N GLY A 157 -18.80 -22.16 -15.19
CA GLY A 157 -18.43 -21.14 -14.22
C GLY A 157 -18.36 -19.72 -14.76
N GLN A 158 -18.09 -18.78 -13.88
CA GLN A 158 -18.02 -17.36 -14.24
C GLN A 158 -16.90 -17.04 -15.23
N VAL A 159 -17.29 -16.58 -16.42
CA VAL A 159 -16.35 -16.19 -17.45
C VAL A 159 -16.10 -14.69 -17.34
N GLU A 160 -14.95 -14.32 -16.81
CA GLU A 160 -14.62 -12.91 -16.58
C GLU A 160 -13.91 -12.27 -17.77
N ILE A 161 -14.57 -11.30 -18.41
CA ILE A 161 -13.94 -10.60 -19.53
C ILE A 161 -13.07 -9.45 -19.03
N PHE A 162 -11.83 -9.45 -19.50
CA PHE A 162 -10.86 -8.46 -19.09
C PHE A 162 -10.87 -7.18 -19.90
N GLU A 163 -11.96 -6.48 -20.07
CA GLU A 163 -11.63 -5.10 -20.42
C GLU A 163 -12.27 -4.10 -19.57
N GLU A 164 -11.41 -3.60 -18.71
CA GLU A 164 -11.90 -2.82 -17.64
C GLU A 164 -11.55 -1.37 -17.53
N ASP A 165 -12.64 -0.66 -17.72
CA ASP A 165 -12.85 0.69 -17.28
C ASP A 165 -13.53 0.31 -15.95
N THR A 166 -14.10 -0.91 -15.93
CA THR A 166 -14.71 -1.52 -14.74
C THR A 166 -13.68 -1.52 -13.60
N ILE A 167 -12.44 -1.83 -13.96
CA ILE A 167 -11.35 -1.92 -12.99
C ILE A 167 -10.85 -0.54 -12.54
N LYS A 168 -10.88 0.44 -13.44
CA LYS A 168 -10.41 1.79 -13.10
C LYS A 168 -11.31 2.51 -12.10
N ILE A 169 -12.51 1.96 -11.88
CA ILE A 169 -13.49 2.55 -10.98
C ILE A 169 -13.34 2.08 -9.53
N ARG A 170 -12.47 1.10 -9.31
CA ARG A 170 -12.27 0.53 -7.97
C ARG A 170 -11.09 1.13 -7.23
N GLU A 171 -11.00 0.82 -5.94
CA GLU A 171 -9.90 1.29 -5.11
C GLU A 171 -8.62 0.53 -5.47
N GLY A 172 -7.48 1.22 -5.43
CA GLY A 172 -6.23 0.62 -5.84
C GLY A 172 -5.19 0.38 -4.75
N THR A 173 -5.61 0.47 -3.49
CA THR A 173 -4.75 0.20 -2.35
C THR A 173 -4.55 -1.31 -2.20
N ASN A 174 -3.57 -1.73 -1.43
CA ASN A 174 -3.37 -3.16 -1.22
C ASN A 174 -4.52 -3.75 -0.42
N LEU A 175 -5.00 -4.90 -0.85
CA LEU A 175 -6.06 -5.60 -0.15
C LEU A 175 -5.42 -6.28 1.06
N HIS A 176 -6.25 -6.83 1.92
CA HIS A 176 -5.72 -7.44 3.14
C HIS A 176 -6.33 -8.83 3.35
N VAL A 177 -6.48 -9.57 2.26
CA VAL A 177 -7.01 -10.94 2.33
C VAL A 177 -6.08 -11.80 3.20
N PRO A 178 -6.64 -12.53 4.17
CA PRO A 178 -5.81 -13.38 5.04
C PRO A 178 -5.19 -14.52 4.23
N SER A 179 -3.97 -14.30 3.76
CA SER A 179 -3.28 -15.31 2.95
C SER A 179 -2.06 -15.85 3.70
N LYS A 180 -1.84 -17.16 3.58
CA LYS A 180 -0.67 -17.82 4.14
C LYS A 180 0.24 -18.21 2.97
N SER A 181 1.52 -18.38 3.25
CA SER A 181 2.48 -18.77 2.22
C SER A 181 2.27 -20.22 1.79
N THR A 182 1.50 -20.95 2.60
CA THR A 182 1.17 -22.33 2.30
C THR A 182 -0.10 -22.44 1.44
N ASP A 183 -0.70 -21.30 1.11
CA ASP A 183 -1.86 -21.32 0.22
C ASP A 183 -1.34 -21.58 -1.18
N LEU A 184 -2.20 -22.10 -2.06
CA LEU A 184 -1.84 -22.33 -3.45
C LEU A 184 -1.60 -21.01 -4.16
N ALA A 185 -0.68 -21.02 -5.11
CA ALA A 185 -0.36 -19.86 -5.90
C ALA A 185 -0.71 -20.12 -7.37
N TYR A 186 -0.33 -21.30 -7.87
CA TYR A 186 -0.62 -21.66 -9.25
C TYR A 186 -0.66 -23.17 -9.48
N VAL A 187 -1.30 -23.56 -10.58
CA VAL A 187 -1.40 -24.97 -10.96
C VAL A 187 -0.98 -25.12 -12.41
N ILE A 188 0.14 -25.80 -12.63
CA ILE A 188 0.67 -26.01 -13.96
C ILE A 188 0.64 -27.50 -14.32
N TYR A 189 0.11 -27.81 -15.51
CA TYR A 189 -0.04 -29.17 -15.98
C TYR A 189 1.20 -29.73 -16.69
N THR A 190 1.67 -30.88 -16.21
CA THR A 190 2.84 -31.56 -16.77
C THR A 190 2.38 -32.94 -17.32
N SER A 191 3.13 -33.46 -18.29
CA SER A 191 2.80 -34.72 -18.98
C SER A 191 2.65 -35.95 -18.09
N PRO A 197 -2.82 -35.75 -18.19
CA PRO A 197 -1.66 -34.99 -17.72
C PRO A 197 -2.01 -34.30 -16.40
N LYS A 198 -1.15 -34.49 -15.40
CA LYS A 198 -1.36 -34.01 -14.04
C LYS A 198 -1.17 -32.51 -13.76
N GLY A 199 -2.09 -31.96 -12.97
CA GLY A 199 -1.99 -30.56 -12.56
C GLY A 199 -1.22 -30.43 -11.27
N THR A 200 -0.05 -29.79 -11.31
CA THR A 200 0.81 -29.66 -10.13
C THR A 200 0.41 -28.43 -9.30
N MET A 201 0.16 -28.64 -8.01
CA MET A 201 -0.23 -27.58 -7.09
C MET A 201 0.98 -26.97 -6.39
N LEU A 202 1.27 -25.71 -6.72
CA LEU A 202 2.38 -25.03 -6.07
C LEU A 202 1.87 -23.95 -5.11
N GLU A 203 2.44 -23.92 -3.91
CA GLU A 203 2.09 -22.91 -2.91
C GLU A 203 2.97 -21.66 -3.08
N HIS A 204 2.71 -20.63 -2.28
CA HIS A 204 3.50 -19.40 -2.34
C HIS A 204 4.95 -19.59 -1.89
N LYS A 205 5.14 -20.37 -0.82
CA LYS A 205 6.46 -20.63 -0.22
C LYS A 205 7.66 -20.77 -1.16
N GLY A 206 7.54 -21.67 -2.14
CA GLY A 206 8.64 -21.92 -3.05
C GLY A 206 9.12 -20.69 -3.79
N ILE A 207 8.19 -19.80 -4.13
CA ILE A 207 8.54 -18.58 -4.84
C ILE A 207 9.17 -17.58 -3.87
N SER A 208 8.68 -17.55 -2.64
CA SER A 208 9.27 -16.69 -1.61
C SER A 208 10.75 -17.08 -1.44
N ASN A 209 11.03 -18.37 -1.48
CA ASN A 209 12.40 -18.86 -1.40
C ASN A 209 13.20 -18.45 -2.64
N LEU A 210 12.58 -18.58 -3.81
CA LEU A 210 13.24 -18.22 -5.06
C LEU A 210 13.61 -16.73 -5.12
N LYS A 211 12.77 -15.88 -4.52
CA LYS A 211 13.05 -14.45 -4.50
C LYS A 211 14.47 -14.20 -3.98
N VAL A 212 14.78 -14.80 -2.85
CA VAL A 212 16.07 -14.65 -2.19
C VAL A 212 17.20 -15.28 -3.01
N PHE A 213 16.89 -16.40 -3.67
CA PHE A 213 17.84 -17.05 -4.57
C PHE A 213 18.18 -16.13 -5.75
N PHE A 214 17.17 -15.46 -6.31
CA PHE A 214 17.39 -14.55 -7.43
C PHE A 214 18.36 -13.44 -7.03
N GLU A 215 18.18 -12.92 -5.83
CA GLU A 215 18.99 -11.83 -5.33
C GLU A 215 20.39 -12.26 -4.91
N ASN A 216 20.47 -13.34 -4.13
CA ASN A 216 21.75 -13.76 -3.57
C ASN A 216 22.58 -14.67 -4.46
N SER A 217 21.92 -15.53 -5.23
CA SER A 217 22.63 -16.45 -6.11
C SER A 217 22.80 -15.87 -7.52
N LEU A 218 21.71 -15.44 -8.14
CA LEU A 218 21.79 -14.91 -9.50
C LEU A 218 22.27 -13.47 -9.55
N ASN A 219 22.23 -12.78 -8.41
CA ASN A 219 22.62 -11.37 -8.32
C ASN A 219 21.74 -10.46 -9.19
N VAL A 220 20.45 -10.75 -9.21
CA VAL A 220 19.50 -9.92 -9.94
C VAL A 220 19.16 -8.71 -9.05
N THR A 221 19.22 -7.52 -9.63
CA THR A 221 18.86 -6.29 -8.91
C THR A 221 17.87 -5.51 -9.76
N GLU A 222 17.44 -4.35 -9.28
CA GLU A 222 16.47 -3.52 -10.00
C GLU A 222 16.95 -3.03 -11.36
N LYS A 223 18.27 -2.98 -11.55
CA LYS A 223 18.85 -2.53 -12.82
C LYS A 223 18.66 -3.53 -13.96
N ASP A 224 18.35 -4.77 -13.63
CA ASP A 224 18.17 -5.81 -14.63
C ASP A 224 16.89 -5.72 -15.45
N ARG A 225 16.98 -6.20 -16.67
CA ARG A 225 15.84 -6.29 -17.56
C ARG A 225 15.70 -7.76 -17.91
N ILE A 226 14.60 -8.36 -17.43
CA ILE A 226 14.34 -9.79 -17.59
C ILE A 226 13.45 -10.07 -18.79
N GLY A 227 13.95 -10.84 -19.75
CA GLY A 227 13.12 -11.23 -20.87
C GLY A 227 12.07 -12.24 -20.42
N GLN A 228 10.86 -12.13 -20.95
CA GLN A 228 9.80 -13.09 -20.65
C GLN A 228 9.61 -13.89 -21.93
N PHE A 229 10.31 -15.01 -22.02
CA PHE A 229 10.33 -15.87 -23.21
C PHE A 229 9.31 -17.00 -23.17
N ALA A 230 9.22 -17.66 -22.02
CA ALA A 230 8.42 -18.87 -21.87
C ALA A 230 6.91 -18.72 -21.99
N SER A 231 6.28 -19.83 -22.39
CA SER A 231 4.83 -19.96 -22.45
C SER A 231 4.25 -19.82 -21.04
N ILE A 232 3.12 -19.14 -20.92
CA ILE A 232 2.49 -18.89 -19.63
C ILE A 232 2.05 -20.19 -18.93
N SER A 233 1.96 -21.27 -19.71
CA SER A 233 1.57 -22.56 -19.17
C SER A 233 2.76 -23.41 -18.71
N PHE A 234 3.96 -22.87 -18.87
CA PHE A 234 5.19 -23.53 -18.45
C PHE A 234 5.76 -22.72 -17.26
N ASP A 235 6.22 -23.40 -16.21
CA ASP A 235 6.68 -22.69 -15.01
C ASP A 235 7.90 -21.79 -15.21
N ALA A 236 8.57 -21.93 -16.35
CA ALA A 236 9.67 -21.04 -16.67
C ALA A 236 9.14 -19.61 -16.72
N SER A 237 7.88 -19.45 -17.08
CA SER A 237 7.26 -18.11 -17.14
C SER A 237 7.07 -17.54 -15.73
N VAL A 238 6.77 -18.41 -14.77
CA VAL A 238 6.64 -18.03 -13.37
C VAL A 238 8.03 -17.59 -12.90
N TRP A 239 9.04 -18.37 -13.27
CA TRP A 239 10.44 -18.08 -13.00
C TRP A 239 10.83 -16.67 -13.47
N GLU A 240 10.51 -16.35 -14.72
CA GLU A 240 10.86 -15.05 -15.30
C GLU A 240 10.08 -13.89 -14.67
N MET A 241 8.77 -14.06 -14.57
CA MET A 241 7.87 -13.06 -14.01
C MET A 241 8.31 -12.55 -12.65
N PHE A 242 8.58 -13.49 -11.74
CA PHE A 242 8.94 -13.11 -10.39
C PHE A 242 10.42 -12.86 -10.19
N MET A 243 11.23 -13.26 -11.16
CA MET A 243 12.65 -12.90 -11.16
C MET A 243 12.71 -11.39 -11.31
N ALA A 244 11.79 -10.84 -12.08
CA ALA A 244 11.69 -9.39 -12.28
C ALA A 244 10.93 -8.73 -11.12
N LEU A 245 9.66 -9.12 -10.96
CA LEU A 245 8.73 -8.45 -10.05
C LEU A 245 8.95 -8.55 -8.54
N LEU A 246 9.79 -9.48 -8.09
CA LEU A 246 10.08 -9.58 -6.66
C LEU A 246 11.46 -9.01 -6.31
N THR A 247 12.19 -8.50 -7.31
CA THR A 247 13.53 -7.94 -7.09
C THR A 247 13.61 -6.45 -7.44
N GLY A 248 12.59 -5.94 -8.11
CA GLY A 248 12.57 -4.55 -8.51
C GLY A 248 12.97 -4.34 -9.96
N ALA A 249 13.34 -5.42 -10.63
CA ALA A 249 13.74 -5.39 -12.03
C ALA A 249 12.51 -5.29 -12.93
N SER A 250 12.74 -5.09 -14.23
CA SER A 250 11.65 -4.98 -15.20
C SER A 250 11.49 -6.26 -16.02
N LEU A 251 10.25 -6.53 -16.43
CA LEU A 251 9.92 -7.72 -17.20
C LEU A 251 9.51 -7.34 -18.63
N TYR A 252 10.20 -7.89 -19.62
CA TYR A 252 9.93 -7.61 -21.03
C TYR A 252 9.18 -8.75 -21.69
N ILE A 253 7.93 -8.50 -22.07
CA ILE A 253 7.08 -9.50 -22.70
C ILE A 253 7.44 -9.67 -24.18
N ILE A 254 8.21 -10.72 -24.49
CA ILE A 254 8.64 -10.98 -25.86
C ILE A 254 7.52 -11.70 -26.61
N LEU A 255 7.05 -11.11 -27.71
CA LEU A 255 5.93 -11.68 -28.46
C LEU A 255 6.34 -12.79 -29.42
N LYS A 256 5.37 -13.63 -29.78
CA LYS A 256 5.60 -14.81 -30.60
C LYS A 256 6.34 -14.56 -31.90
N ASP A 257 5.96 -13.50 -32.61
CA ASP A 257 6.61 -13.20 -33.90
C ASP A 257 8.09 -12.85 -33.77
N THR A 258 8.48 -12.33 -32.61
CA THR A 258 9.89 -12.02 -32.35
C THR A 258 10.64 -13.32 -32.04
N ILE A 259 9.97 -14.20 -31.30
CA ILE A 259 10.54 -15.48 -30.91
C ILE A 259 10.67 -16.43 -32.12
N ASN A 260 9.71 -16.38 -33.03
CA ASN A 260 9.73 -17.23 -34.22
C ASN A 260 10.78 -16.84 -35.27
N ASP A 261 11.55 -15.79 -35.00
CA ASP A 261 12.59 -15.35 -35.93
C ASP A 261 13.86 -15.06 -35.14
N PHE A 262 14.84 -15.95 -35.27
CA PHE A 262 16.08 -15.85 -34.50
C PHE A 262 16.81 -14.52 -34.64
N VAL A 263 16.81 -13.94 -35.84
CA VAL A 263 17.48 -12.65 -36.00
C VAL A 263 16.66 -11.53 -35.36
N LYS A 264 15.33 -11.64 -35.43
CA LYS A 264 14.46 -10.67 -34.76
C LYS A 264 14.66 -10.74 -33.25
N PHE A 265 14.72 -11.96 -32.71
CA PHE A 265 14.94 -12.18 -31.28
C PHE A 265 16.27 -11.58 -30.84
N GLU A 266 17.33 -11.83 -31.60
CA GLU A 266 18.64 -11.29 -31.27
C GLU A 266 18.57 -9.76 -31.25
N GLN A 267 17.89 -9.19 -32.24
CA GLN A 267 17.74 -7.74 -32.33
C GLN A 267 16.96 -7.19 -31.14
N TYR A 268 15.90 -7.88 -30.75
CA TYR A 268 15.08 -7.49 -29.60
C TYR A 268 15.91 -7.42 -28.30
N ILE A 269 16.65 -8.48 -28.03
CA ILE A 269 17.47 -8.58 -26.83
C ILE A 269 18.45 -7.41 -26.72
N ASN A 270 19.08 -7.08 -27.84
CA ASN A 270 20.09 -6.03 -27.85
C ASN A 270 19.51 -4.63 -27.87
N GLN A 271 18.34 -4.48 -28.47
CA GLN A 271 17.66 -3.19 -28.55
C GLN A 271 16.97 -2.84 -27.22
N LYS A 272 16.39 -3.84 -26.57
CA LYS A 272 15.73 -3.64 -25.29
C LYS A 272 16.74 -3.71 -24.14
N GLU A 273 17.97 -4.08 -24.49
CA GLU A 273 19.07 -4.20 -23.52
C GLU A 273 18.76 -5.16 -22.38
N ILE A 274 18.25 -6.33 -22.75
CA ILE A 274 17.93 -7.39 -21.82
C ILE A 274 19.22 -7.87 -21.16
N THR A 275 19.19 -8.04 -19.84
CA THR A 275 20.38 -8.45 -19.11
C THR A 275 20.36 -9.90 -18.63
N VAL A 276 19.17 -10.45 -18.42
CA VAL A 276 19.03 -11.83 -17.96
C VAL A 276 17.98 -12.54 -18.81
N ILE A 277 18.35 -13.68 -19.38
CA ILE A 277 17.41 -14.45 -20.19
C ILE A 277 17.58 -15.94 -19.85
N THR A 278 16.45 -16.62 -19.73
CA THR A 278 16.39 -18.06 -19.47
C THR A 278 15.79 -18.69 -20.73
N LEU A 279 16.52 -19.61 -21.34
CA LEU A 279 16.11 -20.21 -22.60
C LEU A 279 16.35 -21.71 -22.66
N PRO A 280 15.55 -22.43 -23.47
CA PRO A 280 15.75 -23.88 -23.63
C PRO A 280 17.03 -24.04 -24.47
N PRO A 281 17.85 -25.06 -24.20
CA PRO A 281 19.07 -25.23 -25.00
C PRO A 281 18.70 -25.39 -26.49
N THR A 282 17.50 -25.89 -26.73
CA THR A 282 16.97 -26.11 -28.08
C THR A 282 16.78 -24.80 -28.83
N TYR A 283 16.75 -23.70 -28.07
CA TYR A 283 16.59 -22.39 -28.67
C TYR A 283 17.94 -21.72 -28.79
N VAL A 284 18.69 -21.73 -27.69
CA VAL A 284 20.00 -21.10 -27.65
C VAL A 284 20.93 -21.60 -28.76
N VAL A 285 20.77 -22.88 -29.11
CA VAL A 285 21.62 -23.49 -30.13
C VAL A 285 21.53 -22.77 -31.48
N HIS A 286 20.44 -22.04 -31.69
CA HIS A 286 20.22 -21.31 -32.95
C HIS A 286 20.68 -19.86 -32.89
N LEU A 287 21.10 -19.40 -31.73
CA LEU A 287 21.52 -18.02 -31.58
C LEU A 287 23.03 -17.87 -31.71
N ASP A 288 23.47 -16.69 -32.15
CA ASP A 288 24.88 -16.37 -32.30
C ASP A 288 25.30 -15.53 -31.09
N PRO A 289 26.22 -16.04 -30.25
CA PRO A 289 26.68 -15.30 -29.08
C PRO A 289 27.41 -14.01 -29.41
N GLU A 290 28.03 -13.95 -30.59
CA GLU A 290 28.75 -12.75 -31.01
C GLU A 290 27.79 -11.65 -31.46
N ARG A 291 26.53 -12.00 -31.67
CA ARG A 291 25.49 -11.03 -32.04
C ARG A 291 24.78 -10.49 -30.81
N ILE A 292 24.74 -11.31 -29.75
CA ILE A 292 24.10 -10.90 -28.50
C ILE A 292 25.10 -10.04 -27.73
N LEU A 293 24.65 -8.87 -27.27
CA LEU A 293 25.58 -7.93 -26.65
C LEU A 293 25.21 -7.45 -25.24
N SER A 294 23.92 -7.42 -24.91
CA SER A 294 23.50 -6.94 -23.59
C SER A 294 23.41 -8.03 -22.51
N ILE A 295 23.12 -9.26 -22.92
CA ILE A 295 22.97 -10.36 -21.97
C ILE A 295 24.19 -10.50 -21.04
N GLN A 296 23.93 -10.45 -19.75
CA GLN A 296 24.95 -10.62 -18.73
C GLN A 296 24.87 -12.05 -18.19
N THR A 297 23.65 -12.54 -18.00
CA THR A 297 23.41 -13.88 -17.50
C THR A 297 22.49 -14.64 -18.44
N LEU A 298 22.98 -15.77 -18.94
CA LEU A 298 22.19 -16.68 -19.76
C LEU A 298 21.97 -17.93 -18.94
N ILE A 299 20.70 -18.27 -18.72
CA ILE A 299 20.33 -19.48 -18.01
C ILE A 299 19.65 -20.43 -18.99
N THR A 300 20.12 -21.67 -19.09
CA THR A 300 19.40 -22.65 -19.91
C THR A 300 18.78 -23.65 -18.97
N ALA A 301 17.63 -24.19 -19.37
CA ALA A 301 16.91 -25.12 -18.52
C ALA A 301 15.90 -25.88 -19.37
N GLY A 302 15.28 -26.91 -18.77
CA GLY A 302 14.26 -27.66 -19.48
C GLY A 302 14.77 -28.97 -20.07
N SER A 303 15.96 -28.92 -20.62
CA SER A 303 16.60 -30.11 -21.16
C SER A 303 18.11 -29.95 -21.09
N ALA A 304 18.83 -31.01 -21.42
CA ALA A 304 20.28 -31.00 -21.33
C ALA A 304 20.98 -30.03 -22.27
N THR A 305 21.97 -29.33 -21.73
CA THR A 305 22.83 -28.51 -22.55
C THR A 305 24.08 -29.37 -22.80
N SER A 306 25.04 -28.86 -23.56
CA SER A 306 26.21 -29.66 -23.90
C SER A 306 27.51 -28.89 -23.72
N PRO A 307 28.64 -29.60 -23.58
CA PRO A 307 29.95 -28.96 -23.40
C PRO A 307 30.27 -28.00 -24.55
N SER A 308 29.90 -28.38 -25.77
CA SER A 308 30.13 -27.53 -26.93
C SER A 308 29.33 -26.21 -26.85
N LEU A 309 28.05 -26.32 -26.48
CA LEU A 309 27.20 -25.14 -26.35
C LEU A 309 27.69 -24.21 -25.24
N VAL A 310 27.96 -24.77 -24.06
CA VAL A 310 28.43 -23.97 -22.93
C VAL A 310 29.77 -23.30 -23.24
N ASN A 311 30.69 -24.04 -23.86
CA ASN A 311 32.00 -23.50 -24.20
C ASN A 311 31.85 -22.29 -25.12
N LYS A 312 30.85 -22.38 -25.99
CA LYS A 312 30.55 -21.34 -26.98
C LYS A 312 29.98 -20.05 -26.36
N TRP A 313 29.44 -20.15 -25.16
CA TRP A 313 28.80 -19.01 -24.50
C TRP A 313 29.47 -18.51 -23.21
N LYS A 314 30.18 -19.39 -22.51
CA LYS A 314 30.75 -19.07 -21.20
C LYS A 314 31.70 -17.89 -21.11
N GLU A 315 32.33 -17.54 -22.23
CA GLU A 315 33.29 -16.44 -22.23
C GLU A 315 32.60 -15.10 -22.51
N LYS A 316 31.40 -15.15 -23.11
CA LYS A 316 30.62 -13.94 -23.41
C LYS A 316 29.75 -13.54 -22.21
N VAL A 317 29.03 -14.51 -21.67
CA VAL A 317 28.07 -14.28 -20.61
C VAL A 317 28.35 -15.20 -19.43
N THR A 318 27.68 -14.96 -18.32
CA THR A 318 27.73 -15.88 -17.19
C THR A 318 26.71 -16.95 -17.56
N TYR A 319 27.18 -18.18 -17.78
CA TYR A 319 26.30 -19.27 -18.17
C TYR A 319 25.89 -20.10 -16.98
N ILE A 320 24.58 -20.29 -16.81
CA ILE A 320 24.03 -21.08 -15.71
C ILE A 320 23.10 -22.17 -16.25
N ASN A 321 23.38 -23.41 -15.87
CA ASN A 321 22.52 -24.54 -16.20
C ASN A 321 21.64 -24.74 -14.97
N ALA A 322 20.34 -24.59 -15.17
CA ALA A 322 19.37 -24.72 -14.08
C ALA A 322 18.48 -25.94 -14.31
N TYR A 323 18.38 -26.78 -13.28
CA TYR A 323 17.59 -27.99 -13.37
C TYR A 323 16.46 -27.99 -12.35
N GLY A 324 15.32 -28.53 -12.73
CA GLY A 324 14.24 -28.72 -11.79
C GLY A 324 12.93 -29.11 -12.41
N PRO A 325 12.12 -29.94 -11.72
CA PRO A 325 10.81 -30.35 -12.21
C PRO A 325 9.77 -29.33 -11.75
N THR A 326 8.60 -29.37 -12.37
CA THR A 326 7.50 -28.48 -11.99
C THR A 326 7.16 -28.71 -10.51
N GLU A 327 7.30 -29.95 -10.09
CA GLU A 327 6.93 -30.42 -8.76
C GLU A 327 7.72 -29.87 -7.56
N THR A 328 8.85 -29.21 -7.80
CA THR A 328 9.61 -28.63 -6.70
C THR A 328 9.83 -27.14 -6.95
N THR A 329 8.80 -26.51 -7.52
CA THR A 329 8.81 -25.09 -7.81
C THR A 329 9.95 -24.66 -8.72
N ILE A 330 9.88 -25.15 -9.96
CA ILE A 330 10.76 -24.72 -11.04
C ILE A 330 12.19 -25.24 -11.02
N CYS A 331 12.95 -24.83 -10.00
CA CYS A 331 14.39 -25.07 -9.95
C CYS A 331 14.87 -25.71 -8.65
N ALA A 332 15.59 -26.81 -8.76
CA ALA A 332 16.16 -27.51 -7.60
C ALA A 332 17.69 -27.39 -7.53
N THR A 333 18.36 -27.32 -8.68
CA THR A 333 19.82 -27.20 -8.71
C THR A 333 20.29 -26.24 -9.80
N THR A 334 21.51 -25.74 -9.66
CA THR A 334 22.12 -24.90 -10.69
C THR A 334 23.62 -25.13 -10.72
N TRP A 335 24.21 -24.90 -11.88
CA TRP A 335 25.65 -25.03 -12.06
C TRP A 335 26.04 -23.82 -12.88
N VAL A 336 27.13 -23.17 -12.50
CA VAL A 336 27.60 -22.00 -13.24
C VAL A 336 28.90 -22.38 -13.92
N ALA A 337 29.00 -22.08 -15.20
CA ALA A 337 30.20 -22.37 -15.97
C ALA A 337 31.37 -21.54 -15.44
N THR A 338 32.50 -22.21 -15.21
CA THR A 338 33.70 -21.50 -14.79
C THR A 338 34.69 -21.42 -15.95
N LYS A 339 35.75 -20.66 -15.75
CA LYS A 339 36.83 -20.51 -16.72
C LYS A 339 37.42 -21.87 -17.04
N GLU A 340 37.22 -22.80 -16.11
CA GLU A 340 37.81 -24.13 -16.19
C GLU A 340 37.12 -25.15 -17.10
N THR A 341 37.71 -26.34 -17.13
CA THR A 341 37.40 -27.45 -18.03
C THR A 341 36.00 -28.03 -18.06
N ILE A 342 35.31 -27.96 -19.19
CA ILE A 342 34.05 -28.70 -19.26
C ILE A 342 34.36 -30.13 -19.72
N GLY A 343 33.77 -31.09 -19.00
CA GLY A 343 34.06 -32.50 -19.22
C GLY A 343 33.20 -33.16 -20.27
N HIS A 344 32.74 -34.39 -20.01
CA HIS A 344 31.92 -35.07 -21.00
C HIS A 344 30.45 -34.68 -20.86
N SER A 345 30.09 -34.11 -19.71
CA SER A 345 28.74 -33.63 -19.48
C SER A 345 28.77 -32.30 -18.75
N VAL A 346 27.72 -31.50 -18.94
CA VAL A 346 27.56 -30.26 -18.21
C VAL A 346 26.75 -30.64 -16.97
N PRO A 347 27.35 -30.48 -15.77
CA PRO A 347 26.60 -30.86 -14.56
C PRO A 347 25.33 -30.03 -14.41
N ILE A 348 24.34 -30.56 -13.71
CA ILE A 348 23.19 -29.76 -13.34
C ILE A 348 23.49 -29.05 -12.00
N GLY A 349 24.64 -29.34 -11.42
CA GLY A 349 25.12 -28.60 -10.26
C GLY A 349 24.72 -29.04 -8.87
N ALA A 350 24.57 -28.07 -7.98
CA ALA A 350 24.25 -28.32 -6.57
C ALA A 350 22.90 -27.76 -6.19
N PRO A 351 22.25 -28.33 -5.16
CA PRO A 351 20.93 -27.84 -4.72
C PRO A 351 20.96 -26.37 -4.34
N ILE A 352 19.94 -25.63 -4.76
CA ILE A 352 19.87 -24.21 -4.41
C ILE A 352 19.48 -24.11 -2.93
N GLN A 353 19.42 -22.89 -2.41
CA GLN A 353 19.10 -22.69 -1.01
C GLN A 353 17.78 -23.34 -0.60
N ASN A 354 17.81 -23.95 0.59
CA ASN A 354 16.65 -24.60 1.22
C ASN A 354 16.11 -25.78 0.44
N THR A 355 16.99 -26.39 -0.35
CA THR A 355 16.67 -27.55 -1.17
C THR A 355 17.67 -28.67 -0.86
N GLN A 356 17.21 -29.92 -0.86
CA GLN A 356 18.09 -31.07 -0.64
C GLN A 356 17.90 -32.08 -1.75
N ILE A 357 19.00 -32.69 -2.19
CA ILE A 357 18.97 -33.72 -3.23
C ILE A 357 19.52 -35.02 -2.65
N TYR A 358 18.85 -36.12 -2.97
CA TYR A 358 19.28 -37.45 -2.56
C TYR A 358 19.24 -38.34 -3.79
N ILE A 359 20.35 -38.99 -4.10
CA ILE A 359 20.41 -39.93 -5.20
C ILE A 359 20.33 -41.33 -4.59
N VAL A 360 19.21 -42.00 -4.84
CA VAL A 360 18.86 -43.23 -4.15
C VAL A 360 18.50 -44.42 -5.06
N ASP A 361 18.45 -45.60 -4.46
CA ASP A 361 17.99 -46.78 -5.18
C ASP A 361 16.49 -46.90 -5.05
N GLU A 362 15.96 -48.03 -5.50
CA GLU A 362 14.52 -48.26 -5.51
C GLU A 362 13.86 -48.22 -4.12
N ASN A 363 14.65 -48.42 -3.06
CA ASN A 363 14.10 -48.42 -1.69
C ASN A 363 14.46 -47.18 -0.90
N LEU A 364 14.90 -46.13 -1.61
CA LEU A 364 15.29 -44.85 -1.02
C LEU A 364 16.61 -44.90 -0.22
N GLN A 365 17.45 -45.89 -0.49
CA GLN A 365 18.75 -45.98 0.16
C GLN A 365 19.72 -45.16 -0.66
N LEU A 366 20.58 -44.41 0.03
CA LEU A 366 21.56 -43.57 -0.64
C LEU A 366 22.56 -44.37 -1.48
N LYS A 367 22.81 -43.92 -2.70
CA LYS A 367 23.81 -44.53 -3.55
C LYS A 367 25.18 -44.01 -3.09
N SER A 368 26.22 -44.79 -3.34
CA SER A 368 27.57 -44.34 -3.07
C SER A 368 27.88 -43.19 -4.02
N VAL A 369 28.80 -42.32 -3.64
CA VAL A 369 29.23 -41.22 -4.50
C VAL A 369 29.72 -41.82 -5.81
N GLY A 370 29.26 -41.27 -6.92
CA GLY A 370 29.68 -41.79 -8.22
C GLY A 370 28.71 -42.81 -8.78
N GLU A 371 27.88 -43.41 -7.93
CA GLU A 371 26.87 -44.38 -8.38
C GLU A 371 25.65 -43.68 -8.93
N ALA A 372 25.03 -44.25 -9.96
CA ALA A 372 23.80 -43.71 -10.52
C ALA A 372 22.59 -44.17 -9.70
N GLY A 373 21.64 -43.26 -9.51
CA GLY A 373 20.43 -43.59 -8.78
C GLY A 373 19.37 -42.58 -9.18
N GLU A 374 18.19 -42.67 -8.59
CA GLU A 374 17.14 -41.71 -8.91
C GLU A 374 17.35 -40.44 -8.07
N LEU A 375 17.29 -39.29 -8.75
CA LEU A 375 17.40 -38.00 -8.09
C LEU A 375 16.08 -37.70 -7.38
N CYS A 376 16.15 -37.55 -6.06
CA CYS A 376 14.98 -37.20 -5.26
C CYS A 376 15.22 -35.84 -4.61
N ILE A 377 14.17 -35.04 -4.53
CA ILE A 377 14.27 -33.67 -4.04
C ILE A 377 13.46 -33.43 -2.76
N GLY A 378 14.07 -32.73 -1.81
CA GLY A 378 13.37 -32.35 -0.60
C GLY A 378 13.52 -30.86 -0.42
N GLY A 379 12.74 -30.26 0.48
CA GLY A 379 12.92 -28.84 0.75
C GLY A 379 11.70 -27.96 0.61
N GLU A 380 11.97 -26.66 0.59
CA GLU A 380 10.92 -25.64 0.59
C GLU A 380 10.19 -25.44 -0.74
N GLY A 381 10.72 -26.03 -1.80
CA GLY A 381 10.09 -25.88 -3.11
C GLY A 381 9.06 -26.94 -3.44
N LEU A 382 8.95 -27.99 -2.62
CA LEU A 382 8.03 -29.08 -2.92
C LEU A 382 6.58 -28.65 -3.09
N ALA A 383 5.95 -29.18 -4.13
CA ALA A 383 4.55 -28.91 -4.42
C ALA A 383 3.68 -29.56 -3.36
N ARG A 384 2.44 -29.10 -3.24
CA ARG A 384 1.49 -29.69 -2.31
C ARG A 384 1.12 -31.07 -2.84
N GLY A 385 1.19 -31.24 -4.15
CA GLY A 385 0.88 -32.52 -4.77
C GLY A 385 0.22 -32.30 -6.10
N TYR A 386 -0.46 -33.33 -6.60
CA TYR A 386 -1.18 -33.23 -7.87
C TYR A 386 -2.67 -33.00 -7.59
N TRP A 387 -3.25 -32.04 -8.29
CA TRP A 387 -4.65 -31.67 -8.12
C TRP A 387 -5.57 -32.87 -8.29
N LYS A 388 -6.33 -33.17 -7.23
CA LYS A 388 -7.31 -34.25 -7.25
C LYS A 388 -6.74 -35.60 -7.68
N ARG A 389 -5.49 -35.86 -7.32
CA ARG A 389 -4.85 -37.13 -7.63
C ARG A 389 -4.11 -37.63 -6.39
N PRO A 390 -4.86 -38.01 -5.34
CA PRO A 390 -4.30 -38.48 -4.06
C PRO A 390 -3.29 -39.62 -4.17
N GLU A 391 -3.63 -40.65 -4.94
CA GLU A 391 -2.75 -41.81 -5.07
C GLU A 391 -1.46 -41.52 -5.82
N LEU A 392 -1.53 -40.80 -6.93
CA LEU A 392 -0.31 -40.45 -7.66
C LEU A 392 0.55 -39.55 -6.77
N THR A 393 -0.09 -38.66 -6.03
CA THR A 393 0.63 -37.77 -5.12
C THR A 393 1.38 -38.55 -4.05
N SER A 394 0.73 -39.54 -3.44
CA SER A 394 1.36 -40.35 -2.40
C SER A 394 2.51 -41.20 -2.96
N GLN A 395 2.44 -41.50 -4.26
CA GLN A 395 3.45 -42.31 -4.93
C GLN A 395 4.70 -41.50 -5.27
N LYS A 396 4.49 -40.26 -5.70
CA LYS A 396 5.58 -39.38 -6.13
C LYS A 396 6.15 -38.51 -5.02
N PHE A 397 5.30 -38.10 -4.09
CA PHE A 397 5.72 -37.32 -2.94
C PHE A 397 5.66 -38.23 -1.72
N VAL A 398 6.74 -38.96 -1.49
CA VAL A 398 6.81 -39.94 -0.43
C VAL A 398 7.31 -39.34 0.88
N ASP A 399 7.13 -40.07 1.97
CA ASP A 399 7.66 -39.61 3.26
C ASP A 399 9.18 -39.56 3.17
N ASN A 400 9.75 -38.43 3.57
CA ASN A 400 11.19 -38.21 3.51
C ASN A 400 11.90 -38.99 4.63
N PRO A 401 12.66 -40.03 4.27
CA PRO A 401 13.36 -40.81 5.29
C PRO A 401 14.58 -40.10 5.86
N PHE A 402 14.98 -38.99 5.24
CA PHE A 402 16.18 -38.28 5.64
C PHE A 402 15.91 -37.11 6.56
N VAL A 403 14.77 -36.46 6.34
CA VAL A 403 14.32 -35.38 7.19
C VAL A 403 12.95 -35.88 7.60
N PRO A 404 12.89 -36.69 8.67
CA PRO A 404 11.57 -37.21 9.07
C PRO A 404 10.59 -36.08 9.30
N GLY A 405 9.32 -36.37 9.02
CA GLY A 405 8.28 -35.37 9.14
C GLY A 405 7.94 -34.70 7.81
N GLU A 406 8.91 -34.62 6.91
CA GLU A 406 8.73 -34.00 5.61
C GLU A 406 8.38 -34.99 4.49
N LYS A 407 8.23 -34.46 3.28
CA LYS A 407 8.00 -35.26 2.07
C LYS A 407 9.25 -35.23 1.19
N LEU A 408 9.31 -36.15 0.24
CA LEU A 408 10.43 -36.27 -0.68
C LEU A 408 9.86 -36.53 -2.07
N TYR A 409 10.26 -35.72 -3.04
CA TYR A 409 9.78 -35.90 -4.41
C TYR A 409 10.71 -36.79 -5.23
N LYS A 410 10.16 -37.85 -5.82
CA LYS A 410 10.91 -38.75 -6.69
C LYS A 410 10.78 -38.25 -8.13
N THR A 411 11.87 -37.73 -8.69
CA THR A 411 11.80 -37.07 -9.99
C THR A 411 11.65 -37.97 -11.20
N GLY A 412 12.08 -39.23 -11.11
CA GLY A 412 12.07 -40.09 -12.27
C GLY A 412 13.33 -39.89 -13.12
N ASP A 413 14.24 -39.04 -12.66
CA ASP A 413 15.50 -38.80 -13.35
C ASP A 413 16.61 -39.62 -12.73
N GLN A 414 17.54 -40.05 -13.57
CA GLN A 414 18.72 -40.77 -13.14
C GLN A 414 19.84 -39.74 -13.05
N ALA A 415 20.69 -39.87 -12.05
CA ALA A 415 21.79 -38.94 -11.85
C ALA A 415 22.81 -39.56 -10.92
N ARG A 416 23.95 -38.91 -10.76
CA ARG A 416 24.98 -39.35 -9.85
C ARG A 416 25.76 -38.17 -9.29
N TRP A 417 26.23 -38.31 -8.06
CA TRP A 417 27.04 -37.28 -7.42
C TRP A 417 28.43 -37.36 -7.98
N LEU A 418 28.98 -36.22 -8.36
CA LEU A 418 30.37 -36.17 -8.77
C LEU A 418 31.24 -35.96 -7.55
N SER A 419 32.53 -35.83 -7.78
CA SER A 419 33.52 -35.67 -6.71
C SER A 419 33.43 -34.30 -6.06
N ASP A 420 33.26 -33.29 -6.92
CA ASP A 420 33.30 -31.89 -6.53
C ASP A 420 32.04 -31.26 -5.95
N GLY A 421 31.07 -32.10 -5.60
CA GLY A 421 29.83 -31.59 -5.03
C GLY A 421 28.75 -31.31 -6.07
N ASN A 422 29.08 -31.52 -7.34
CA ASN A 422 28.12 -31.30 -8.43
C ASN A 422 27.41 -32.58 -8.82
N ILE A 423 26.17 -32.44 -9.30
CA ILE A 423 25.37 -33.57 -9.75
C ILE A 423 25.44 -33.67 -11.27
N GLU A 424 25.56 -34.90 -11.76
CA GLU A 424 25.56 -35.18 -13.18
C GLU A 424 24.22 -35.83 -13.54
N TYR A 425 23.51 -35.22 -14.48
CA TYR A 425 22.22 -35.71 -14.95
C TYR A 425 22.47 -36.83 -15.97
N LEU A 426 21.81 -37.96 -15.79
CA LEU A 426 22.03 -39.13 -16.64
C LEU A 426 20.82 -39.52 -17.49
N GLY A 427 19.77 -38.71 -17.44
CA GLY A 427 18.60 -38.98 -18.24
C GLY A 427 17.39 -39.48 -17.49
N ARG A 428 16.27 -39.58 -18.18
CA ARG A 428 15.03 -40.06 -17.59
C ARG A 428 15.15 -41.57 -17.43
N ILE A 429 14.67 -42.08 -16.29
CA ILE A 429 14.69 -43.52 -16.04
C ILE A 429 13.89 -44.28 -17.11
N ASP A 430 12.85 -43.65 -17.64
CA ASP A 430 12.04 -44.23 -18.71
C ASP A 430 12.81 -44.45 -20.00
N ASN A 431 13.79 -43.57 -20.26
CA ASN A 431 14.60 -43.65 -21.47
C ASN A 431 15.72 -44.69 -21.39
N GLN A 432 15.60 -45.60 -20.42
CA GLN A 432 16.53 -46.71 -20.31
C GLN A 432 15.87 -47.90 -20.99
N VAL A 433 16.39 -48.28 -22.14
CA VAL A 433 15.84 -49.39 -22.89
C VAL A 433 16.85 -50.53 -23.00
N LYS A 434 16.36 -51.76 -23.02
CA LYS A 434 17.22 -52.92 -23.16
C LYS A 434 17.30 -53.29 -24.65
N ILE A 435 18.52 -53.45 -25.14
CA ILE A 435 18.75 -53.81 -26.53
C ILE A 435 19.88 -54.84 -26.59
N ARG A 436 19.55 -56.03 -27.12
CA ARG A 436 20.48 -57.14 -27.20
C ARG A 436 20.98 -57.49 -25.79
N GLY A 437 20.04 -57.53 -24.84
CA GLY A 437 20.37 -57.86 -23.48
C GLY A 437 21.20 -56.84 -22.73
N HIS A 438 21.54 -55.74 -23.40
CA HIS A 438 22.32 -54.69 -22.76
C HIS A 438 21.47 -53.48 -22.41
N ARG A 439 21.93 -52.71 -21.43
CA ARG A 439 21.20 -51.53 -20.98
C ARG A 439 21.70 -50.28 -21.71
N VAL A 440 20.79 -49.61 -22.40
CA VAL A 440 21.11 -48.38 -23.12
C VAL A 440 20.27 -47.23 -22.60
N GLU A 441 20.91 -46.09 -22.39
CA GLU A 441 20.24 -44.88 -21.97
C GLU A 441 20.25 -43.99 -23.20
N LEU A 442 19.07 -43.65 -23.69
CA LEU A 442 18.92 -42.85 -24.89
C LEU A 442 19.71 -41.54 -24.85
N GLU A 443 19.68 -40.89 -23.69
CA GLU A 443 20.38 -39.61 -23.54
C GLU A 443 21.87 -39.75 -23.72
N GLU A 444 22.42 -40.92 -23.39
CA GLU A 444 23.86 -41.12 -23.54
C GLU A 444 24.25 -41.27 -25.00
N VAL A 445 23.39 -41.90 -25.79
CA VAL A 445 23.67 -42.03 -27.22
C VAL A 445 23.60 -40.63 -27.81
N GLU A 446 22.60 -39.86 -27.37
CA GLU A 446 22.40 -38.49 -27.84
C GLU A 446 23.60 -37.59 -27.59
N SER A 447 24.10 -37.57 -26.36
CA SER A 447 25.23 -36.72 -26.01
C SER A 447 26.52 -37.12 -26.72
N ILE A 448 26.75 -38.42 -26.88
CA ILE A 448 27.94 -38.90 -27.59
C ILE A 448 27.91 -38.52 -29.08
N LEU A 449 26.79 -38.76 -29.76
CA LEU A 449 26.67 -38.38 -31.17
C LEU A 449 26.80 -36.87 -31.36
N LEU A 450 26.31 -36.11 -30.39
CA LEU A 450 26.38 -34.65 -30.45
C LEU A 450 27.83 -34.15 -30.52
N LYS A 451 28.80 -34.97 -30.13
CA LYS A 451 30.21 -34.57 -30.14
C LYS A 451 30.75 -34.42 -31.56
N HIS A 452 30.10 -35.05 -32.52
CA HIS A 452 30.51 -34.97 -33.91
C HIS A 452 30.58 -33.50 -34.35
N MET A 453 31.71 -33.11 -34.92
CA MET A 453 31.97 -31.71 -35.27
C MET A 453 30.93 -31.01 -36.13
N TYR A 454 30.14 -31.79 -36.89
CA TYR A 454 29.13 -31.20 -37.78
C TYR A 454 27.70 -31.30 -37.27
N ILE A 455 27.49 -32.10 -36.23
CA ILE A 455 26.15 -32.26 -35.69
C ILE A 455 25.85 -31.21 -34.63
N SER A 456 24.76 -30.45 -34.82
CA SER A 456 24.38 -29.40 -33.89
C SER A 456 23.32 -29.86 -32.89
N GLU A 457 22.52 -30.84 -33.28
CA GLU A 457 21.46 -31.38 -32.42
C GLU A 457 21.26 -32.86 -32.68
N THR A 458 20.92 -33.61 -31.64
CA THR A 458 20.63 -35.04 -31.76
C THR A 458 19.41 -35.43 -30.93
N ALA A 459 18.80 -36.55 -31.31
CA ALA A 459 17.70 -37.16 -30.58
C ALA A 459 17.70 -38.63 -30.97
N VAL A 460 17.59 -39.51 -29.99
CA VAL A 460 17.57 -40.95 -30.24
C VAL A 460 16.25 -41.52 -29.73
N SER A 461 15.67 -42.43 -30.51
CA SER A 461 14.41 -43.05 -30.13
C SER A 461 14.54 -44.56 -30.27
N VAL A 462 13.61 -45.28 -29.66
CA VAL A 462 13.58 -46.73 -29.74
C VAL A 462 12.33 -47.14 -30.50
N HIS A 463 12.48 -48.15 -31.35
CA HIS A 463 11.35 -48.69 -32.10
C HIS A 463 11.53 -50.20 -32.17
N LYS A 464 10.46 -50.89 -32.51
CA LYS A 464 10.52 -52.34 -32.66
C LYS A 464 10.37 -52.66 -34.14
N ASP A 465 11.19 -53.60 -34.63
CA ASP A 465 11.12 -54.04 -36.02
C ASP A 465 9.98 -55.06 -36.21
N HIS A 466 9.88 -55.62 -37.40
CA HIS A 466 8.83 -56.60 -37.72
C HIS A 466 8.81 -57.84 -36.82
N GLN A 467 9.93 -58.16 -36.18
CA GLN A 467 9.98 -59.29 -35.26
C GLN A 467 9.85 -58.81 -33.82
N GLU A 468 9.25 -57.63 -33.65
CA GLU A 468 9.01 -57.00 -32.34
C GLU A 468 10.25 -56.77 -31.49
N GLN A 469 11.44 -56.82 -32.09
CA GLN A 469 12.66 -56.56 -31.34
C GLN A 469 13.05 -55.09 -31.43
N PRO A 470 13.55 -54.52 -30.31
CA PRO A 470 13.93 -53.11 -30.23
C PRO A 470 15.21 -52.71 -30.99
N TYR A 471 15.20 -51.48 -31.51
CA TYR A 471 16.35 -50.92 -32.20
C TYR A 471 16.39 -49.40 -32.03
N LEU A 472 17.60 -48.85 -32.08
CA LEU A 472 17.83 -47.42 -31.90
C LEU A 472 17.82 -46.68 -33.23
N CYS A 473 17.22 -45.51 -33.22
CA CYS A 473 17.21 -44.64 -34.38
C CYS A 473 17.71 -43.26 -33.95
N ALA A 474 18.74 -42.77 -34.63
CA ALA A 474 19.34 -41.48 -34.31
C ALA A 474 18.92 -40.40 -35.31
N TYR A 475 18.42 -39.29 -34.79
CA TYR A 475 18.03 -38.15 -35.59
C TYR A 475 19.03 -37.04 -35.29
N PHE A 476 19.46 -36.33 -36.32
CA PHE A 476 20.44 -35.28 -36.10
C PHE A 476 20.22 -34.13 -37.07
N VAL A 477 20.68 -32.95 -36.67
CA VAL A 477 20.61 -31.75 -37.50
C VAL A 477 22.05 -31.34 -37.79
N SER A 478 22.30 -30.95 -39.03
CA SER A 478 23.63 -30.52 -39.47
C SER A 478 23.48 -29.57 -40.65
N GLU A 479 24.36 -28.57 -40.72
CA GLU A 479 24.35 -27.59 -41.80
C GLU A 479 24.55 -28.26 -43.16
N LYS A 480 25.43 -29.25 -43.21
CA LYS A 480 25.64 -29.98 -44.45
C LYS A 480 25.28 -31.45 -44.27
N HIS A 481 25.11 -32.13 -45.39
CA HIS A 481 24.77 -33.54 -45.38
C HIS A 481 25.96 -34.36 -44.91
N ILE A 482 25.80 -35.12 -43.83
CA ILE A 482 26.88 -35.98 -43.34
C ILE A 482 26.70 -37.38 -43.90
N PRO A 483 27.71 -37.90 -44.61
CA PRO A 483 27.57 -39.27 -45.14
C PRO A 483 27.40 -40.32 -44.06
N LEU A 484 26.40 -41.19 -44.24
CA LEU A 484 26.08 -42.23 -43.28
C LEU A 484 27.32 -43.07 -42.93
N GLU A 485 28.18 -43.32 -43.92
CA GLU A 485 29.38 -44.11 -43.69
C GLU A 485 30.22 -43.51 -42.57
N GLN A 486 30.33 -42.17 -42.56
CA GLN A 486 31.06 -41.46 -41.52
C GLN A 486 30.37 -41.48 -40.16
N LEU A 487 29.04 -41.44 -40.16
CA LEU A 487 28.26 -41.52 -38.93
C LEU A 487 28.47 -42.89 -38.32
N ARG A 488 28.49 -43.91 -39.17
CA ARG A 488 28.73 -45.27 -38.73
C ARG A 488 30.13 -45.47 -38.16
N GLN A 489 31.14 -44.92 -38.82
CA GLN A 489 32.50 -45.03 -38.34
C GLN A 489 32.66 -44.30 -37.00
N PHE A 490 32.18 -43.07 -36.94
CA PHE A 490 32.21 -42.28 -35.72
C PHE A 490 31.56 -43.05 -34.56
N SER A 491 30.38 -43.60 -34.81
CA SER A 491 29.66 -44.36 -33.79
C SER A 491 30.48 -45.56 -33.33
N SER A 492 31.16 -46.19 -34.28
CA SER A 492 31.98 -47.37 -34.00
C SER A 492 33.10 -47.04 -33.01
N GLU A 493 33.65 -45.84 -33.13
CA GLU A 493 34.75 -45.39 -32.28
C GLU A 493 34.28 -44.87 -30.92
N GLU A 494 33.08 -44.32 -30.88
CA GLU A 494 32.58 -43.63 -29.68
C GLU A 494 31.60 -44.43 -28.83
N LEU A 495 30.95 -45.41 -29.41
CA LEU A 495 29.88 -46.14 -28.74
C LEU A 495 30.07 -47.64 -28.70
N PRO A 496 29.57 -48.29 -27.63
CA PRO A 496 29.67 -49.75 -27.54
C PRO A 496 28.71 -50.25 -28.62
N THR A 497 29.02 -51.41 -29.21
CA THR A 497 28.23 -51.95 -30.32
C THR A 497 26.71 -51.92 -30.16
N TYR A 498 26.22 -52.32 -28.99
CA TYR A 498 24.77 -52.35 -28.72
C TYR A 498 24.14 -50.95 -28.64
N MET A 499 24.99 -49.92 -28.62
CA MET A 499 24.53 -48.54 -28.55
C MET A 499 24.63 -47.81 -29.89
N ILE A 500 25.19 -48.48 -30.90
CA ILE A 500 25.29 -47.89 -32.22
C ILE A 500 23.90 -47.90 -32.86
N PRO A 501 23.39 -46.73 -33.28
CA PRO A 501 22.06 -46.69 -33.91
C PRO A 501 22.01 -47.53 -35.19
N SER A 502 20.90 -48.23 -35.39
CA SER A 502 20.71 -49.02 -36.60
C SER A 502 20.40 -48.11 -37.79
N TYR A 503 19.79 -46.95 -37.50
CA TYR A 503 19.48 -45.99 -38.55
C TYR A 503 19.81 -44.57 -38.10
N PHE A 504 20.33 -43.78 -39.03
CA PHE A 504 20.63 -42.38 -38.80
C PHE A 504 19.75 -41.60 -39.75
N ILE A 505 19.10 -40.57 -39.25
CA ILE A 505 18.17 -39.80 -40.05
C ILE A 505 18.38 -38.31 -39.80
N GLN A 506 18.76 -37.60 -40.86
CA GLN A 506 18.99 -36.17 -40.81
C GLN A 506 17.68 -35.42 -40.98
N LEU A 507 17.39 -34.54 -40.01
CA LEU A 507 16.19 -33.71 -40.06
C LEU A 507 16.61 -32.27 -40.30
N ASP A 508 15.81 -31.51 -41.04
CA ASP A 508 16.13 -30.11 -41.28
C ASP A 508 16.10 -29.35 -39.95
N LYS A 509 15.14 -29.70 -39.11
CA LYS A 509 15.05 -29.11 -37.78
C LYS A 509 14.41 -30.11 -36.81
N MET A 510 14.76 -29.99 -35.53
CA MET A 510 14.19 -30.84 -34.50
C MET A 510 12.76 -30.43 -34.18
N PRO A 511 11.85 -31.41 -34.09
CA PRO A 511 10.45 -31.14 -33.76
C PRO A 511 10.34 -30.89 -32.24
N LEU A 512 9.79 -29.75 -31.85
CA LEU A 512 9.72 -29.40 -30.43
C LEU A 512 8.29 -29.23 -29.93
N THR A 513 8.11 -29.46 -28.64
CA THR A 513 6.82 -29.24 -27.98
C THR A 513 6.73 -27.74 -27.73
N SER A 514 5.60 -27.28 -27.19
CA SER A 514 5.41 -25.87 -26.88
C SER A 514 6.42 -25.39 -25.85
N ASN A 515 6.83 -26.28 -24.96
CA ASN A 515 7.78 -25.95 -23.90
C ASN A 515 9.24 -25.98 -24.36
N GLY A 516 9.43 -26.27 -25.64
CA GLY A 516 10.77 -26.26 -26.21
C GLY A 516 11.58 -27.54 -26.04
N LYS A 517 10.91 -28.64 -25.71
CA LYS A 517 11.59 -29.92 -25.55
C LYS A 517 11.40 -30.77 -26.79
N ILE A 518 12.25 -31.78 -26.99
CA ILE A 518 12.11 -32.65 -28.16
C ILE A 518 10.78 -33.40 -28.12
N ASP A 519 10.04 -33.33 -29.22
CA ASP A 519 8.78 -34.05 -29.32
C ASP A 519 9.05 -35.39 -29.99
N ARG A 520 9.31 -36.40 -29.17
CA ARG A 520 9.64 -37.71 -29.69
C ARG A 520 8.61 -38.31 -30.63
N LYS A 521 7.33 -38.01 -30.42
CA LYS A 521 6.28 -38.55 -31.28
C LYS A 521 6.14 -37.81 -32.61
N GLN A 522 7.09 -36.94 -32.93
CA GLN A 522 7.12 -36.28 -34.22
C GLN A 522 8.33 -36.71 -35.04
N LEU A 523 9.19 -37.52 -34.43
CA LEU A 523 10.36 -38.05 -35.12
C LEU A 523 9.91 -39.23 -36.01
N PRO A 524 10.17 -39.16 -37.33
CA PRO A 524 9.76 -40.22 -38.25
C PRO A 524 10.41 -41.58 -38.04
N GLU A 525 9.58 -42.60 -37.85
CA GLU A 525 10.03 -43.98 -37.71
C GLU A 525 10.37 -44.49 -39.11
N PRO A 526 11.51 -45.18 -39.26
CA PRO A 526 11.94 -45.73 -40.56
C PRO A 526 11.04 -46.86 -41.10
N ASP A 527 10.87 -46.89 -42.42
CA ASP A 527 10.04 -47.90 -43.09
C ASP A 527 10.81 -49.16 -43.47
N LEU A 528 10.88 -50.10 -42.53
CA LEU A 528 11.59 -51.37 -42.70
C LEU A 528 10.81 -52.34 -43.62
N THR A 529 10.79 -52.09 -44.93
CA THR A 529 10.02 -52.95 -45.82
C THR A 529 10.83 -53.69 -46.89
N PHE A 530 12.07 -53.27 -47.10
CA PHE A 530 12.97 -53.93 -48.05
C PHE A 530 12.88 -55.47 -47.98
N GLY B 17 -50.83 27.25 3.71
CA GLY B 17 -49.73 26.33 3.94
C GLY B 17 -49.41 26.10 5.43
N THR B 18 -50.24 25.32 6.13
CA THR B 18 -50.07 25.07 7.56
C THR B 18 -48.66 24.79 8.15
N HIS B 19 -48.50 25.15 9.42
CA HIS B 19 -47.30 24.90 10.24
C HIS B 19 -45.92 25.18 9.63
N GLU B 20 -45.74 26.33 9.00
CA GLU B 20 -44.48 26.67 8.33
C GLU B 20 -43.23 26.76 9.20
N GLU B 21 -43.31 27.50 10.30
CA GLU B 21 -42.15 27.72 11.16
C GLU B 21 -41.56 26.43 11.69
N GLU B 22 -42.43 25.49 12.04
CA GLU B 22 -41.98 24.20 12.53
C GLU B 22 -41.27 23.44 11.40
N GLN B 23 -41.85 23.50 10.21
CA GLN B 23 -41.27 22.84 9.05
C GLN B 23 -39.91 23.44 8.73
N TYR B 24 -39.80 24.75 8.90
CA TYR B 24 -38.55 25.44 8.65
C TYR B 24 -37.46 24.96 9.60
N LEU B 25 -37.76 24.93 10.88
CA LEU B 25 -36.79 24.54 11.89
C LEU B 25 -36.28 23.11 11.66
N PHE B 26 -37.06 22.32 10.94
CA PHE B 26 -36.62 20.98 10.62
C PHE B 26 -35.91 20.93 9.26
N ALA B 27 -36.34 21.76 8.33
CA ALA B 27 -35.75 21.82 6.99
C ALA B 27 -34.31 22.31 7.01
N VAL B 28 -33.96 23.13 8.00
CA VAL B 28 -32.61 23.64 8.12
C VAL B 28 -31.62 22.51 8.42
N ASN B 29 -32.11 21.42 8.98
CA ASN B 29 -31.25 20.27 9.28
C ASN B 29 -31.22 19.18 8.20
N ASN B 30 -31.73 19.48 7.00
CA ASN B 30 -31.68 18.53 5.89
C ASN B 30 -30.27 18.58 5.30
N THR B 31 -29.34 17.92 5.99
CA THR B 31 -27.91 17.98 5.64
C THR B 31 -27.27 16.63 5.33
N LYS B 32 -28.06 15.56 5.32
CA LYS B 32 -27.53 14.23 5.06
C LYS B 32 -26.75 14.20 3.73
N ALA B 33 -25.61 13.53 3.73
CA ALA B 33 -24.77 13.42 2.55
C ALA B 33 -23.93 12.16 2.66
N GLU B 34 -23.66 11.52 1.52
CA GLU B 34 -22.83 10.32 1.50
C GLU B 34 -21.40 10.64 1.90
N TYR B 35 -20.81 9.78 2.72
CA TYR B 35 -19.42 9.92 3.13
C TYR B 35 -18.89 8.55 3.55
N PRO B 36 -17.55 8.36 3.51
CA PRO B 36 -16.94 7.07 3.87
C PRO B 36 -17.09 6.79 5.36
N ARG B 37 -18.29 6.44 5.81
CA ARG B 37 -18.55 6.24 7.24
C ARG B 37 -17.91 5.01 7.84
N ASP B 38 -17.48 4.08 7.00
CA ASP B 38 -16.89 2.85 7.48
C ASP B 38 -15.37 2.86 7.33
N LYS B 39 -14.84 3.98 6.88
CA LYS B 39 -13.40 4.12 6.69
C LYS B 39 -12.74 4.92 7.82
N THR B 40 -11.47 4.63 8.07
CA THR B 40 -10.72 5.34 9.08
C THR B 40 -9.89 6.47 8.45
N ILE B 41 -9.32 7.33 9.29
CA ILE B 41 -8.53 8.45 8.80
C ILE B 41 -7.32 7.97 8.00
N HIS B 42 -6.62 6.96 8.51
CA HIS B 42 -5.48 6.43 7.78
C HIS B 42 -5.89 5.70 6.51
N GLN B 43 -7.03 5.04 6.52
CA GLN B 43 -7.52 4.37 5.32
C GLN B 43 -7.72 5.42 4.22
N LEU B 44 -8.34 6.53 4.58
CA LEU B 44 -8.59 7.61 3.64
C LEU B 44 -7.28 8.21 3.14
N PHE B 45 -6.32 8.37 4.04
CA PHE B 45 -5.01 8.90 3.67
C PHE B 45 -4.31 7.95 2.70
N GLU B 46 -4.36 6.65 3.02
CA GLU B 46 -3.77 5.60 2.18
C GLU B 46 -4.39 5.55 0.80
N GLU B 47 -5.70 5.77 0.72
CA GLU B 47 -6.38 5.78 -0.56
C GLU B 47 -5.97 7.00 -1.37
N GLN B 48 -5.61 8.07 -0.68
CA GLN B 48 -5.13 9.27 -1.36
C GLN B 48 -3.70 9.03 -1.85
N VAL B 49 -2.89 8.40 -1.02
CA VAL B 49 -1.52 8.07 -1.39
C VAL B 49 -1.52 7.21 -2.66
N SER B 50 -2.43 6.26 -2.72
CA SER B 50 -2.55 5.37 -3.86
C SER B 50 -2.92 6.14 -5.14
N LYS B 51 -3.82 7.11 -5.02
CA LYS B 51 -4.25 7.89 -6.18
C LYS B 51 -3.12 8.73 -6.75
N ARG B 52 -2.42 9.45 -5.88
CA ARG B 52 -1.34 10.34 -6.32
C ARG B 52 -0.16 10.28 -5.36
N PRO B 53 0.62 9.19 -5.41
CA PRO B 53 1.77 8.96 -4.53
C PRO B 53 2.89 9.98 -4.64
N ASN B 54 2.99 10.64 -5.79
CA ASN B 54 4.09 11.56 -6.01
C ASN B 54 3.76 13.03 -5.76
N ASN B 55 2.51 13.32 -5.40
CA ASN B 55 2.11 14.67 -5.00
C ASN B 55 2.87 15.00 -3.72
N VAL B 56 3.24 16.26 -3.54
CA VAL B 56 3.87 16.72 -2.30
C VAL B 56 2.78 16.70 -1.21
N ALA B 57 3.09 16.08 -0.07
CA ALA B 57 2.14 15.95 1.02
C ALA B 57 2.36 16.95 2.15
N ILE B 58 3.63 17.15 2.49
CA ILE B 58 3.99 17.99 3.62
C ILE B 58 5.32 18.73 3.39
N VAL B 59 5.32 20.03 3.68
CA VAL B 59 6.49 20.87 3.50
C VAL B 59 6.80 21.63 4.79
N CYS B 60 8.04 21.54 5.25
CA CYS B 60 8.46 22.29 6.42
C CYS B 60 9.81 22.96 6.12
N GLU B 61 9.74 24.25 5.86
CA GLU B 61 10.89 25.05 5.50
C GLU B 61 11.53 24.61 4.19
N ASN B 62 12.71 24.00 4.26
CA ASN B 62 13.39 23.56 3.06
C ASN B 62 13.35 22.06 2.82
N GLU B 63 12.51 21.37 3.58
CA GLU B 63 12.37 19.93 3.47
C GLU B 63 10.93 19.54 3.14
N GLN B 64 10.75 18.43 2.43
CA GLN B 64 9.40 17.99 2.06
C GLN B 64 9.30 16.49 1.80
N LEU B 65 8.08 15.97 1.86
CA LEU B 65 7.81 14.57 1.57
C LEU B 65 6.63 14.48 0.64
N THR B 66 6.66 13.49 -0.25
CA THR B 66 5.53 13.22 -1.13
C THR B 66 4.55 12.35 -0.33
N TYR B 67 3.38 12.11 -0.89
CA TYR B 67 2.41 11.26 -0.25
C TYR B 67 2.97 9.87 0.03
N HIS B 68 3.70 9.32 -0.94
CA HIS B 68 4.30 8.01 -0.80
C HIS B 68 5.34 7.98 0.33
N GLU B 69 6.27 8.93 0.31
CA GLU B 69 7.33 8.99 1.31
C GLU B 69 6.79 9.12 2.73
N LEU B 70 5.82 10.00 2.91
CA LEU B 70 5.18 10.20 4.20
C LEU B 70 4.51 8.91 4.64
N ASN B 71 3.78 8.27 3.72
CA ASN B 71 3.07 7.02 4.02
C ASN B 71 4.04 5.92 4.45
N VAL B 72 5.14 5.79 3.73
CA VAL B 72 6.14 4.77 4.06
C VAL B 72 6.67 4.96 5.48
N LYS B 73 7.11 6.18 5.79
CA LYS B 73 7.65 6.45 7.11
C LYS B 73 6.62 6.21 8.21
N ALA B 74 5.36 6.60 7.97
CA ALA B 74 4.29 6.38 8.95
C ALA B 74 4.04 4.89 9.17
N ASN B 75 4.08 4.12 8.09
CA ASN B 75 3.91 2.67 8.16
C ASN B 75 5.06 2.00 8.92
N GLN B 76 6.28 2.50 8.70
CA GLN B 76 7.45 1.95 9.37
C GLN B 76 7.40 2.18 10.87
N LEU B 77 7.14 3.41 11.28
CA LEU B 77 7.04 3.71 12.70
C LEU B 77 5.80 3.04 13.30
N ALA B 78 4.77 2.85 12.49
CA ALA B 78 3.56 2.18 12.95
C ALA B 78 3.88 0.75 13.37
N ARG B 79 4.71 0.07 12.58
CA ARG B 79 5.08 -1.30 12.87
C ARG B 79 5.79 -1.42 14.22
N ILE B 80 6.64 -0.44 14.52
CA ILE B 80 7.32 -0.38 15.81
C ILE B 80 6.29 -0.24 16.94
N PHE B 81 5.31 0.64 16.76
CA PHE B 81 4.27 0.85 17.75
C PHE B 81 3.47 -0.44 18.02
N ILE B 82 3.14 -1.17 16.97
CA ILE B 82 2.38 -2.40 17.10
C ILE B 82 3.09 -3.42 18.01
N GLU B 83 4.39 -3.60 17.79
CA GLU B 83 5.18 -4.54 18.59
C GLU B 83 5.03 -4.23 20.07
N LYS B 84 5.09 -2.94 20.37
CA LYS B 84 5.14 -2.46 21.75
C LYS B 84 3.85 -2.61 22.53
N GLY B 85 2.72 -2.60 21.84
CA GLY B 85 1.46 -2.83 22.52
C GLY B 85 0.35 -1.89 22.10
N ILE B 86 0.65 -1.03 21.12
CA ILE B 86 -0.32 -0.05 20.64
C ILE B 86 -1.40 -0.66 19.75
N GLY B 87 -2.65 -0.41 20.14
CA GLY B 87 -3.78 -0.91 19.37
C GLY B 87 -5.05 -0.14 19.70
N LYS B 88 -6.18 -0.83 19.57
CA LYS B 88 -7.50 -0.25 19.82
C LYS B 88 -7.60 0.69 21.00
N ASP B 89 -8.02 1.91 20.71
CA ASP B 89 -8.24 2.98 21.70
C ASP B 89 -7.07 3.34 22.60
N THR B 90 -5.92 2.67 22.44
CA THR B 90 -4.81 2.98 23.33
C THR B 90 -4.29 4.38 23.02
N LEU B 91 -4.06 5.16 24.06
CA LEU B 91 -3.65 6.54 23.90
C LEU B 91 -2.13 6.67 23.84
N VAL B 92 -1.65 7.39 22.84
CA VAL B 92 -0.22 7.66 22.70
C VAL B 92 -0.06 9.18 22.77
N GLY B 93 0.63 9.67 23.79
CA GLY B 93 0.89 11.09 23.87
C GLY B 93 1.98 11.42 22.86
N ILE B 94 1.91 12.60 22.25
CA ILE B 94 2.93 13.04 21.31
C ILE B 94 3.43 14.42 21.73
N MET B 95 4.73 14.50 21.98
CA MET B 95 5.36 15.76 22.39
C MET B 95 6.56 15.97 21.49
N MET B 96 6.33 16.62 20.35
CA MET B 96 7.38 16.82 19.37
C MET B 96 7.34 18.23 18.80
N GLU B 97 8.50 18.68 18.34
CA GLU B 97 8.62 19.97 17.68
C GLU B 97 7.68 20.02 16.50
N LYS B 98 7.18 21.22 16.20
CA LYS B 98 6.35 21.43 15.03
C LYS B 98 7.28 21.15 13.83
N SER B 99 7.06 20.03 13.17
CA SER B 99 7.96 19.55 12.12
C SER B 99 7.27 18.43 11.35
N ILE B 100 7.88 17.97 10.26
CA ILE B 100 7.35 16.84 9.49
C ILE B 100 7.28 15.59 10.36
N ASP B 101 8.29 15.38 11.20
CA ASP B 101 8.34 14.23 12.09
C ASP B 101 7.14 14.12 12.99
N LEU B 102 6.62 15.26 13.44
CA LEU B 102 5.42 15.28 14.27
C LEU B 102 4.24 14.60 13.58
N PHE B 103 4.08 14.87 12.28
CA PHE B 103 2.96 14.32 11.52
C PHE B 103 3.14 12.86 11.10
N ILE B 104 4.39 12.46 10.92
CA ILE B 104 4.71 11.05 10.70
C ILE B 104 4.24 10.32 11.96
N GLY B 105 4.57 10.89 13.12
CA GLY B 105 4.18 10.31 14.39
C GLY B 105 2.67 10.15 14.57
N ILE B 106 1.92 11.19 14.24
CA ILE B 106 0.47 11.15 14.34
C ILE B 106 -0.09 10.06 13.44
N LEU B 107 0.36 10.05 12.18
CA LEU B 107 -0.13 9.05 11.22
C LEU B 107 0.25 7.64 11.64
N ALA B 108 1.42 7.49 12.25
CA ALA B 108 1.89 6.20 12.73
C ALA B 108 0.99 5.67 13.86
N VAL B 109 0.61 6.55 14.78
CA VAL B 109 -0.28 6.15 15.87
C VAL B 109 -1.63 5.71 15.30
N LEU B 110 -2.13 6.46 14.32
CA LEU B 110 -3.40 6.10 13.70
C LEU B 110 -3.31 4.77 12.95
N LYS B 111 -2.24 4.56 12.19
CA LYS B 111 -2.05 3.33 11.43
C LYS B 111 -1.90 2.09 12.32
N ALA B 112 -1.34 2.28 13.52
CA ALA B 112 -1.20 1.18 14.48
C ALA B 112 -2.52 0.87 15.17
N GLY B 113 -3.52 1.73 14.96
CA GLY B 113 -4.85 1.51 15.52
C GLY B 113 -5.11 2.24 16.83
N GLY B 114 -4.19 3.10 17.23
CA GLY B 114 -4.36 3.83 18.47
C GLY B 114 -4.89 5.24 18.26
N ALA B 115 -4.87 6.02 19.32
CA ALA B 115 -5.34 7.40 19.29
C ALA B 115 -4.26 8.28 19.89
N TYR B 116 -4.00 9.42 19.27
CA TYR B 116 -2.95 10.27 19.80
C TYR B 116 -3.51 11.39 20.70
N VAL B 117 -2.72 11.75 21.70
CA VAL B 117 -3.04 12.83 22.62
C VAL B 117 -1.94 13.86 22.40
N PRO B 118 -2.20 14.87 21.56
CA PRO B 118 -1.18 15.89 21.28
C PRO B 118 -0.86 16.81 22.46
N ILE B 119 0.43 16.97 22.73
CA ILE B 119 0.91 17.83 23.80
C ILE B 119 1.90 18.84 23.21
N ASP B 120 1.47 20.09 23.13
CA ASP B 120 2.29 21.16 22.58
C ASP B 120 3.54 21.33 23.46
N ILE B 121 4.72 21.23 22.85
CA ILE B 121 5.97 21.36 23.58
C ILE B 121 6.07 22.72 24.24
N GLU B 122 5.46 23.72 23.62
CA GLU B 122 5.45 25.08 24.16
C GLU B 122 4.63 25.15 25.45
N TYR B 123 4.13 24.00 25.87
CA TYR B 123 3.35 23.90 27.10
C TYR B 123 4.20 23.74 28.35
N PRO B 124 3.82 24.44 29.42
CA PRO B 124 4.50 24.38 30.73
C PRO B 124 4.22 23.07 31.43
N LYS B 125 5.14 22.68 32.30
CA LYS B 125 5.04 21.46 33.10
C LYS B 125 3.61 21.22 33.58
N GLU B 126 3.04 22.19 34.28
CA GLU B 126 1.69 22.07 34.84
C GLU B 126 0.64 21.49 33.88
N ARG B 127 0.63 21.96 32.64
CA ARG B 127 -0.36 21.50 31.66
C ARG B 127 0.05 20.27 30.85
N ILE B 128 1.36 20.10 30.64
CA ILE B 128 1.88 18.88 30.01
C ILE B 128 1.60 17.78 31.04
N GLN B 129 1.83 18.17 32.28
CA GLN B 129 1.60 17.38 33.48
C GLN B 129 0.20 16.79 33.50
N TYR B 130 -0.79 17.67 33.44
CA TYR B 130 -2.19 17.28 33.55
C TYR B 130 -2.58 16.29 32.46
N ILE B 131 -2.12 16.55 31.24
CA ILE B 131 -2.45 15.69 30.11
C ILE B 131 -1.97 14.26 30.34
N LEU B 132 -0.69 14.10 30.66
CA LEU B 132 -0.13 12.78 30.91
C LEU B 132 -0.77 12.11 32.13
N ASP B 133 -1.23 12.92 33.07
CA ASP B 133 -1.88 12.41 34.29
C ASP B 133 -3.31 11.96 34.05
N ASP B 134 -4.06 12.74 33.28
CA ASP B 134 -5.46 12.45 33.01
C ASP B 134 -5.63 11.31 31.99
N SER B 135 -4.95 11.43 30.85
CA SER B 135 -5.02 10.43 29.79
C SER B 135 -4.49 9.09 30.23
N GLN B 136 -3.47 9.13 31.10
CA GLN B 136 -2.77 7.94 31.55
C GLN B 136 -2.28 7.14 30.33
N ALA B 137 -1.72 7.87 29.36
CA ALA B 137 -1.20 7.29 28.13
C ALA B 137 -0.10 6.29 28.43
N ARG B 138 -0.16 5.12 27.81
CA ARG B 138 0.83 4.08 28.02
C ARG B 138 2.13 4.34 27.24
N MET B 139 2.12 5.36 26.39
CA MET B 139 3.30 5.73 25.63
C MET B 139 3.38 7.22 25.35
N LEU B 140 4.61 7.72 25.25
CA LEU B 140 4.86 9.11 24.92
C LEU B 140 5.90 9.17 23.81
N LEU B 141 5.50 9.63 22.63
CA LEU B 141 6.40 9.79 21.50
C LEU B 141 7.01 11.18 21.59
N THR B 142 8.34 11.24 21.60
CA THR B 142 9.04 12.51 21.71
C THR B 142 10.35 12.47 20.92
N GLN B 143 11.13 13.54 21.01
CA GLN B 143 12.40 13.64 20.30
C GLN B 143 13.57 13.72 21.28
N LYS B 144 14.77 13.43 20.76
CA LYS B 144 15.98 13.39 21.57
C LYS B 144 16.21 14.62 22.47
N HIS B 145 16.19 15.80 21.86
CA HIS B 145 16.46 17.05 22.58
C HIS B 145 15.39 17.47 23.60
N LEU B 146 14.17 17.00 23.39
CA LEU B 146 13.04 17.38 24.23
C LEU B 146 12.85 16.53 25.48
N VAL B 147 13.65 15.48 25.63
CA VAL B 147 13.52 14.54 26.74
C VAL B 147 13.61 15.18 28.13
N HIS B 148 14.38 16.26 28.27
CA HIS B 148 14.53 16.92 29.55
C HIS B 148 13.17 17.36 30.10
N LEU B 149 12.31 17.84 29.20
CA LEU B 149 10.97 18.30 29.56
C LEU B 149 10.14 17.28 30.33
N ILE B 150 10.59 16.02 30.35
CA ILE B 150 9.86 14.96 31.06
C ILE B 150 10.56 14.51 32.35
N HIS B 151 11.58 15.26 32.78
CA HIS B 151 12.29 14.96 34.01
C HIS B 151 11.37 15.18 35.21
N ASN B 152 10.78 16.38 35.24
CA ASN B 152 9.94 16.82 36.34
C ASN B 152 8.57 16.15 36.43
N GLN B 154 5.81 12.86 36.69
CA GLN B 154 5.29 11.54 37.04
C GLN B 154 4.84 10.80 35.79
N PHE B 155 5.63 9.82 35.35
CA PHE B 155 5.27 9.03 34.18
C PHE B 155 6.06 7.74 34.07
N ASN B 156 5.32 6.65 33.93
CA ASN B 156 5.90 5.34 33.67
C ASN B 156 5.12 4.78 32.48
N GLY B 157 5.71 4.97 31.30
CA GLY B 157 5.13 4.45 30.07
C GLY B 157 6.28 4.45 29.08
N GLN B 158 6.24 3.56 28.11
CA GLN B 158 7.31 3.49 27.12
C GLN B 158 7.55 4.86 26.50
N VAL B 159 8.64 5.50 26.89
CA VAL B 159 9.01 6.80 26.33
C VAL B 159 9.78 6.53 25.03
N GLU B 160 9.08 6.65 23.90
CA GLU B 160 9.63 6.38 22.58
C GLU B 160 10.30 7.58 21.95
N ILE B 161 11.61 7.51 21.74
CA ILE B 161 12.34 8.57 21.08
C ILE B 161 12.30 8.30 19.58
N PHE B 162 11.77 9.26 18.84
CA PHE B 162 11.60 9.17 17.40
C PHE B 162 12.81 8.68 16.65
N GLU B 163 13.83 9.51 16.65
CA GLU B 163 14.99 9.38 15.79
C GLU B 163 15.19 8.00 15.22
N GLU B 164 14.80 7.95 13.95
CA GLU B 164 14.68 6.75 13.17
C GLU B 164 15.69 6.52 12.08
N ASP B 165 16.60 5.70 12.49
CA ASP B 165 17.53 4.97 11.64
C ASP B 165 16.95 3.55 11.94
N THR B 166 16.09 3.49 12.97
CA THR B 166 15.31 2.30 13.34
C THR B 166 14.05 2.26 12.49
N ILE B 167 13.53 3.42 12.09
CA ILE B 167 12.33 3.45 11.24
C ILE B 167 12.66 3.05 9.83
N LYS B 168 13.84 3.46 9.36
CA LYS B 168 14.27 3.15 7.99
C LYS B 168 14.49 1.66 7.75
N ILE B 169 14.48 0.87 8.82
CA ILE B 169 14.71 -0.58 8.74
C ILE B 169 13.45 -1.44 8.60
N ARG B 170 12.28 -0.84 8.78
CA ARG B 170 11.02 -1.58 8.71
C ARG B 170 10.37 -1.55 7.33
N GLU B 171 9.44 -2.47 7.11
CA GLU B 171 8.67 -2.48 5.87
C GLU B 171 7.76 -1.26 5.85
N GLY B 172 7.56 -0.67 4.67
CA GLY B 172 6.77 0.54 4.55
C GLY B 172 5.39 0.39 3.92
N THR B 173 4.97 -0.85 3.72
CA THR B 173 3.65 -1.15 3.15
C THR B 173 2.57 -0.86 4.19
N ASN B 174 1.34 -0.65 3.76
CA ASN B 174 0.25 -0.38 4.69
C ASN B 174 -0.01 -1.60 5.57
N LEU B 175 -0.31 -1.34 6.84
CA LEU B 175 -0.66 -2.39 7.78
C LEU B 175 -2.12 -2.79 7.55
N HIS B 176 -2.52 -3.93 8.12
CA HIS B 176 -3.89 -4.37 8.00
C HIS B 176 -4.53 -4.49 9.38
N VAL B 177 -4.20 -3.55 10.26
CA VAL B 177 -4.73 -3.51 11.62
C VAL B 177 -6.25 -3.39 11.59
N PRO B 178 -6.96 -4.29 12.29
CA PRO B 178 -8.43 -4.21 12.29
C PRO B 178 -8.97 -3.01 13.08
N SER B 179 -9.11 -1.89 12.39
CA SER B 179 -9.62 -0.65 12.96
C SER B 179 -10.98 -0.32 12.39
N LYS B 180 -11.84 0.27 13.20
CA LYS B 180 -13.16 0.73 12.78
C LYS B 180 -13.18 2.26 12.84
N SER B 181 -14.14 2.87 12.13
CA SER B 181 -14.27 4.34 12.14
C SER B 181 -14.73 4.82 13.52
N THR B 182 -15.27 3.89 14.32
CA THR B 182 -15.74 4.21 15.66
C THR B 182 -14.65 4.15 16.73
N ASP B 183 -13.45 3.72 16.35
CA ASP B 183 -12.33 3.73 17.28
C ASP B 183 -11.89 5.18 17.48
N LEU B 184 -11.21 5.45 18.58
CA LEU B 184 -10.70 6.79 18.86
C LEU B 184 -9.55 7.15 17.93
N ALA B 185 -9.53 8.40 17.48
CA ALA B 185 -8.46 8.91 16.63
C ALA B 185 -7.59 9.87 17.45
N TYR B 186 -8.23 10.72 18.24
CA TYR B 186 -7.48 11.67 19.05
C TYR B 186 -8.23 12.16 20.29
N VAL B 187 -7.46 12.65 21.25
CA VAL B 187 -7.99 13.22 22.49
C VAL B 187 -7.40 14.62 22.64
N ILE B 188 -8.27 15.63 22.65
CA ILE B 188 -7.83 17.00 22.80
C ILE B 188 -8.47 17.58 24.05
N TYR B 189 -7.66 18.20 24.89
CA TYR B 189 -8.12 18.75 26.16
C TYR B 189 -8.67 20.16 26.03
N THR B 190 -9.82 20.40 26.65
CA THR B 190 -10.48 21.69 26.58
C THR B 190 -10.75 22.28 27.97
N ASN B 196 -9.07 20.80 35.70
CA ASN B 196 -10.28 21.28 35.03
C ASN B 196 -10.42 20.87 33.57
N PRO B 197 -9.32 20.98 32.78
CA PRO B 197 -9.46 20.61 31.37
C PRO B 197 -9.82 19.14 31.14
N LYS B 198 -10.96 18.92 30.50
CA LYS B 198 -11.44 17.58 30.20
C LYS B 198 -10.88 17.11 28.87
N GLY B 199 -10.55 15.83 28.78
CA GLY B 199 -10.06 15.26 27.53
C GLY B 199 -11.20 14.79 26.66
N THR B 200 -11.41 15.43 25.51
CA THR B 200 -12.49 15.06 24.63
C THR B 200 -12.04 13.94 23.70
N MET B 201 -12.79 12.85 23.68
CA MET B 201 -12.48 11.68 22.88
C MET B 201 -13.18 11.72 21.53
N LEU B 202 -12.41 11.91 20.47
CA LEU B 202 -12.97 11.94 19.12
C LEU B 202 -12.61 10.67 18.35
N GLU B 203 -13.60 10.10 17.67
CA GLU B 203 -13.40 8.91 16.86
C GLU B 203 -13.04 9.30 15.42
N HIS B 204 -12.69 8.32 14.59
CA HIS B 204 -12.31 8.55 13.19
C HIS B 204 -13.45 9.12 12.35
N LYS B 205 -14.66 8.63 12.63
CA LYS B 205 -15.89 8.92 11.90
C LYS B 205 -16.10 10.40 11.54
N GLY B 206 -15.92 11.29 12.52
CA GLY B 206 -16.12 12.72 12.28
C GLY B 206 -15.20 13.30 11.24
N ILE B 207 -13.95 12.85 11.23
CA ILE B 207 -12.97 13.32 10.25
C ILE B 207 -13.26 12.76 8.85
N SER B 208 -13.79 11.54 8.78
CA SER B 208 -14.16 10.93 7.51
C SER B 208 -15.27 11.77 6.86
N ASN B 209 -16.15 12.30 7.71
CA ASN B 209 -17.21 13.20 7.25
C ASN B 209 -16.61 14.52 6.77
N LEU B 210 -15.65 15.05 7.52
CA LEU B 210 -15.01 16.31 7.13
C LEU B 210 -14.25 16.23 5.81
N LYS B 211 -13.72 15.06 5.48
CA LYS B 211 -12.99 14.85 4.22
C LYS B 211 -13.86 15.25 3.03
N VAL B 212 -15.08 14.70 2.99
CA VAL B 212 -16.02 15.01 1.91
C VAL B 212 -16.46 16.47 1.97
N PHE B 213 -16.60 16.99 3.19
CA PHE B 213 -16.91 18.41 3.41
C PHE B 213 -15.84 19.31 2.78
N PHE B 214 -14.57 19.01 3.02
CA PHE B 214 -13.45 19.77 2.47
C PHE B 214 -13.51 19.81 0.95
N GLU B 215 -13.89 18.70 0.34
CA GLU B 215 -13.96 18.58 -1.11
C GLU B 215 -15.21 19.21 -1.73
N ASN B 216 -16.36 18.92 -1.16
CA ASN B 216 -17.64 19.39 -1.72
C ASN B 216 -18.08 20.79 -1.28
N SER B 217 -17.77 21.17 -0.05
CA SER B 217 -18.14 22.50 0.45
C SER B 217 -17.01 23.53 0.32
N LEU B 218 -15.81 23.16 0.77
CA LEU B 218 -14.68 24.10 0.70
C LEU B 218 -14.01 24.09 -0.67
N ASN B 219 -14.32 23.07 -1.47
CA ASN B 219 -13.77 22.90 -2.83
C ASN B 219 -12.25 22.74 -2.84
N VAL B 220 -11.73 22.08 -1.81
CA VAL B 220 -10.30 21.83 -1.71
C VAL B 220 -9.93 20.69 -2.63
N THR B 221 -8.86 20.88 -3.41
CA THR B 221 -8.37 19.86 -4.33
C THR B 221 -6.87 19.71 -4.13
N GLU B 222 -6.28 18.76 -4.84
CA GLU B 222 -4.84 18.48 -4.74
C GLU B 222 -3.93 19.67 -5.06
N LYS B 223 -4.47 20.64 -5.80
CA LYS B 223 -3.70 21.83 -6.19
C LYS B 223 -3.49 22.81 -5.04
N ASP B 224 -4.30 22.68 -3.99
CA ASP B 224 -4.23 23.59 -2.86
C ASP B 224 -3.03 23.37 -1.97
N ARG B 225 -2.60 24.46 -1.33
CA ARG B 225 -1.53 24.40 -0.34
C ARG B 225 -2.14 24.96 0.95
N ILE B 226 -2.26 24.10 1.95
CA ILE B 226 -2.92 24.43 3.22
C ILE B 226 -1.87 24.81 4.27
N GLY B 227 -1.99 26.00 4.84
CA GLY B 227 -1.08 26.39 5.91
C GLY B 227 -1.43 25.64 7.20
N GLN B 228 -0.41 25.28 7.97
CA GLN B 228 -0.64 24.60 9.24
C GLN B 228 -0.25 25.60 10.31
N PHE B 229 -1.24 26.37 10.76
CA PHE B 229 -1.04 27.47 11.69
C PHE B 229 -1.23 27.10 13.17
N ALA B 230 -2.28 26.33 13.45
CA ALA B 230 -2.68 26.03 14.83
C ALA B 230 -1.73 25.16 15.64
N SER B 231 -1.78 25.37 16.95
CA SER B 231 -1.03 24.56 17.90
C SER B 231 -1.52 23.12 17.79
N ILE B 232 -0.61 22.17 17.96
CA ILE B 232 -0.96 20.76 17.81
C ILE B 232 -1.95 20.28 18.86
N SER B 233 -2.13 21.06 19.93
CA SER B 233 -3.05 20.69 21.01
C SER B 233 -4.45 21.29 20.82
N PHE B 234 -4.63 22.06 19.76
CA PHE B 234 -5.92 22.67 19.43
C PHE B 234 -6.51 21.92 18.22
N ASP B 235 -7.80 21.63 18.20
CA ASP B 235 -8.34 20.81 17.12
C ASP B 235 -8.32 21.46 15.73
N ALA B 236 -8.00 22.75 15.67
CA ALA B 236 -7.86 23.44 14.39
C ALA B 236 -6.69 22.85 13.59
N SER B 237 -5.74 22.24 14.29
CA SER B 237 -4.60 21.63 13.64
C SER B 237 -5.00 20.31 12.99
N VAL B 238 -5.98 19.63 13.60
CA VAL B 238 -6.52 18.38 13.04
C VAL B 238 -7.27 18.74 11.76
N TRP B 239 -8.02 19.83 11.84
CA TRP B 239 -8.72 20.42 10.71
C TRP B 239 -7.76 20.68 9.54
N GLU B 240 -6.68 21.41 9.79
CA GLU B 240 -5.70 21.74 8.76
C GLU B 240 -4.98 20.52 8.18
N MET B 241 -4.44 19.68 9.07
CA MET B 241 -3.72 18.47 8.70
C MET B 241 -4.50 17.61 7.69
N PHE B 242 -5.75 17.31 8.02
CA PHE B 242 -6.54 16.45 7.16
C PHE B 242 -7.24 17.15 6.02
N MET B 243 -7.29 18.48 6.06
CA MET B 243 -7.81 19.24 4.94
C MET B 243 -6.82 19.05 3.79
N ALA B 244 -5.54 18.92 4.14
CA ALA B 244 -4.50 18.67 3.15
C ALA B 244 -4.40 17.19 2.81
N LEU B 245 -4.04 16.38 3.80
CA LEU B 245 -3.75 14.95 3.62
C LEU B 245 -4.88 14.02 3.19
N LEU B 246 -6.13 14.42 3.36
CA LEU B 246 -7.22 13.57 2.90
C LEU B 246 -7.76 14.01 1.53
N THR B 247 -7.18 15.05 0.95
CA THR B 247 -7.66 15.58 -0.33
C THR B 247 -6.60 15.52 -1.43
N GLY B 248 -5.34 15.29 -1.05
CA GLY B 248 -4.28 15.26 -2.03
C GLY B 248 -3.52 16.57 -2.06
N ALA B 249 -4.00 17.54 -1.29
CA ALA B 249 -3.34 18.84 -1.18
C ALA B 249 -2.10 18.73 -0.31
N SER B 250 -1.30 19.78 -0.26
CA SER B 250 -0.09 19.75 0.53
C SER B 250 -0.22 20.59 1.79
N LEU B 251 0.48 20.18 2.83
CA LEU B 251 0.42 20.82 4.14
C LEU B 251 1.71 21.55 4.47
N TYR B 252 1.62 22.85 4.70
CA TYR B 252 2.79 23.65 5.05
C TYR B 252 2.90 23.94 6.55
N ILE B 253 3.93 23.39 7.18
CA ILE B 253 4.16 23.56 8.61
C ILE B 253 4.78 24.92 8.93
N ILE B 254 3.96 25.89 9.32
CA ILE B 254 4.42 27.23 9.65
C ILE B 254 4.97 27.30 11.08
N LEU B 255 6.24 27.71 11.20
CA LEU B 255 6.92 27.74 12.50
C LEU B 255 6.60 28.98 13.33
N LYS B 256 6.79 28.86 14.64
CA LYS B 256 6.42 29.91 15.59
C LYS B 256 7.04 31.26 15.27
N ASP B 257 8.31 31.28 14.87
CA ASP B 257 8.98 32.53 14.57
C ASP B 257 8.34 33.27 13.40
N THR B 258 7.75 32.53 12.48
CA THR B 258 7.05 33.14 11.35
C THR B 258 5.73 33.70 11.84
N ILE B 259 5.04 32.89 12.66
CA ILE B 259 3.74 33.27 13.22
C ILE B 259 3.87 34.47 14.16
N ASN B 260 4.98 34.55 14.87
CA ASN B 260 5.21 35.63 15.83
C ASN B 260 5.53 36.99 15.21
N ASP B 261 5.50 37.05 13.89
CA ASP B 261 5.79 38.28 13.17
C ASP B 261 4.84 38.39 11.99
N PHE B 262 3.87 39.29 12.10
CA PHE B 262 2.85 39.47 11.07
C PHE B 262 3.44 39.72 9.68
N VAL B 263 4.54 40.45 9.60
CA VAL B 263 5.18 40.70 8.31
C VAL B 263 5.82 39.42 7.78
N LYS B 264 6.49 38.68 8.67
CA LYS B 264 7.07 37.39 8.29
C LYS B 264 5.99 36.43 7.82
N PHE B 265 4.86 36.42 8.52
CA PHE B 265 3.75 35.53 8.18
C PHE B 265 3.18 35.84 6.81
N GLU B 266 2.97 37.13 6.54
CA GLU B 266 2.45 37.56 5.25
C GLU B 266 3.39 37.13 4.14
N GLN B 267 4.67 37.38 4.35
CA GLN B 267 5.70 37.00 3.39
C GLN B 267 5.73 35.49 3.21
N TYR B 268 5.57 34.75 4.30
CA TYR B 268 5.53 33.30 4.25
C TYR B 268 4.39 32.82 3.34
N ILE B 269 3.16 33.23 3.61
CA ILE B 269 2.03 32.75 2.83
C ILE B 269 2.14 33.15 1.36
N ASN B 270 2.76 34.30 1.10
CA ASN B 270 2.96 34.76 -0.27
C ASN B 270 4.04 33.95 -0.98
N GLN B 271 5.19 33.79 -0.33
CA GLN B 271 6.31 33.04 -0.89
C GLN B 271 5.99 31.56 -1.12
N LYS B 272 5.28 30.97 -0.18
CA LYS B 272 4.93 29.55 -0.26
C LYS B 272 3.67 29.34 -1.10
N GLU B 273 3.04 30.44 -1.53
CA GLU B 273 1.82 30.39 -2.34
C GLU B 273 0.65 29.58 -1.74
N ILE B 274 0.45 29.76 -0.43
CA ILE B 274 -0.62 29.09 0.30
C ILE B 274 -1.95 29.54 -0.28
N THR B 275 -2.86 28.60 -0.48
CA THR B 275 -4.16 28.91 -1.06
C THR B 275 -5.30 28.89 -0.05
N VAL B 276 -5.12 28.15 1.05
CA VAL B 276 -6.14 28.06 2.08
C VAL B 276 -5.53 28.20 3.46
N ILE B 277 -6.11 29.07 4.29
CA ILE B 277 -5.62 29.28 5.64
C ILE B 277 -6.82 29.46 6.57
N THR B 278 -6.73 28.86 7.75
CA THR B 278 -7.73 28.99 8.80
C THR B 278 -7.03 29.72 9.93
N LEU B 279 -7.62 30.83 10.36
CA LEU B 279 -7.00 31.66 11.38
C LEU B 279 -8.01 32.21 12.37
N PRO B 280 -7.57 32.40 13.63
CA PRO B 280 -8.49 33.01 14.60
C PRO B 280 -8.64 34.49 14.22
N PRO B 281 -9.83 35.06 14.43
CA PRO B 281 -10.04 36.47 14.09
C PRO B 281 -9.05 37.39 14.81
N THR B 282 -8.52 36.92 15.93
CA THR B 282 -7.58 37.68 16.73
C THR B 282 -6.22 37.78 16.06
N TYR B 283 -6.01 36.97 15.03
CA TYR B 283 -4.76 36.99 14.29
C TYR B 283 -5.00 37.79 13.02
N VAL B 284 -6.09 37.44 12.32
CA VAL B 284 -6.45 38.05 11.05
C VAL B 284 -6.54 39.58 11.13
N VAL B 285 -7.03 40.08 12.26
CA VAL B 285 -7.22 41.52 12.46
C VAL B 285 -5.93 42.30 12.27
N HIS B 286 -4.79 41.63 12.45
CA HIS B 286 -3.50 42.28 12.32
C HIS B 286 -2.90 42.16 10.92
N LEU B 287 -3.56 41.42 10.03
CA LEU B 287 -3.04 41.22 8.68
C LEU B 287 -3.64 42.20 7.68
N ASP B 288 -2.84 42.55 6.68
CA ASP B 288 -3.26 43.48 5.63
C ASP B 288 -3.73 42.68 4.42
N PRO B 289 -5.04 42.74 4.10
CA PRO B 289 -5.57 41.99 2.95
C PRO B 289 -4.94 42.39 1.62
N GLU B 290 -4.57 43.66 1.49
CA GLU B 290 -3.96 44.16 0.27
C GLU B 290 -2.53 43.61 0.08
N ARG B 291 -1.94 43.12 1.16
CA ARG B 291 -0.59 42.53 1.12
C ARG B 291 -0.61 41.03 0.88
N ILE B 292 -1.74 40.38 1.15
CA ILE B 292 -1.88 38.94 0.94
C ILE B 292 -2.30 38.66 -0.51
N LEU B 293 -1.47 37.92 -1.23
CA LEU B 293 -1.69 37.72 -2.67
C LEU B 293 -2.16 36.34 -3.13
N SER B 294 -1.78 35.29 -2.41
CA SER B 294 -2.11 33.93 -2.85
C SER B 294 -3.35 33.28 -2.24
N ILE B 295 -3.72 33.68 -1.02
CA ILE B 295 -4.87 33.08 -0.36
C ILE B 295 -6.13 33.14 -1.21
N GLN B 296 -6.80 32.00 -1.36
CA GLN B 296 -8.03 31.92 -2.13
C GLN B 296 -9.21 31.79 -1.17
N THR B 297 -9.02 31.04 -0.09
CA THR B 297 -10.06 30.87 0.92
C THR B 297 -9.52 31.17 2.31
N LEU B 298 -10.14 32.14 2.98
CA LEU B 298 -9.81 32.48 4.35
C LEU B 298 -10.96 32.04 5.26
N ILE B 299 -10.64 31.14 6.17
CA ILE B 299 -11.61 30.64 7.14
C ILE B 299 -11.18 31.16 8.49
N THR B 300 -12.08 31.85 9.20
CA THR B 300 -11.79 32.25 10.56
C THR B 300 -12.66 31.41 11.46
N ALA B 301 -12.16 31.08 12.64
CA ALA B 301 -12.89 30.22 13.56
C ALA B 301 -12.37 30.42 14.98
N GLY B 302 -13.06 29.86 15.97
CA GLY B 302 -12.58 29.91 17.34
C GLY B 302 -13.18 31.00 18.20
N SER B 303 -13.48 32.14 17.58
CA SER B 303 -14.11 33.24 18.29
C SER B 303 -14.82 34.10 17.25
N ALA B 304 -15.65 35.02 17.73
CA ALA B 304 -16.46 35.85 16.84
C ALA B 304 -15.65 36.75 15.93
N THR B 305 -16.04 36.79 14.67
CA THR B 305 -15.47 37.74 13.73
C THR B 305 -16.48 38.91 13.69
N SER B 306 -16.18 39.97 12.96
CA SER B 306 -17.06 41.13 12.93
C SER B 306 -17.37 41.58 11.51
N PRO B 307 -18.44 42.38 11.34
CA PRO B 307 -18.82 42.88 10.02
C PRO B 307 -17.66 43.65 9.36
N SER B 308 -16.97 44.45 10.16
CA SER B 308 -15.84 45.24 9.66
C SER B 308 -14.68 44.38 9.19
N LEU B 309 -14.38 43.30 9.92
CA LEU B 309 -13.30 42.40 9.53
C LEU B 309 -13.66 41.66 8.24
N VAL B 310 -14.89 41.14 8.17
CA VAL B 310 -15.34 40.40 7.00
C VAL B 310 -15.42 41.27 5.74
N ASN B 311 -15.95 42.48 5.87
CA ASN B 311 -16.08 43.40 4.75
C ASN B 311 -14.72 43.77 4.16
N LYS B 312 -13.73 43.84 5.03
CA LYS B 312 -12.35 44.19 4.67
C LYS B 312 -11.67 43.07 3.84
N TRP B 313 -12.21 41.86 3.92
CA TRP B 313 -11.61 40.71 3.25
C TRP B 313 -12.47 40.06 2.15
N LYS B 314 -13.79 40.12 2.32
CA LYS B 314 -14.70 39.36 1.47
C LYS B 314 -14.62 39.57 -0.04
N GLU B 315 -13.95 40.62 -0.48
CA GLU B 315 -13.80 40.90 -1.91
C GLU B 315 -12.44 40.43 -2.41
N LYS B 316 -11.51 40.25 -1.49
CA LYS B 316 -10.17 39.77 -1.85
C LYS B 316 -10.11 38.24 -1.85
N VAL B 317 -10.85 37.61 -0.95
CA VAL B 317 -10.84 36.15 -0.80
C VAL B 317 -12.25 35.62 -0.55
N THR B 318 -12.41 34.30 -0.61
CA THR B 318 -13.66 33.68 -0.22
C THR B 318 -13.57 33.60 1.30
N TYR B 319 -14.40 34.38 2.00
CA TYR B 319 -14.35 34.43 3.47
C TYR B 319 -15.38 33.47 4.05
N ILE B 320 -14.92 32.61 4.95
CA ILE B 320 -15.79 31.63 5.59
C ILE B 320 -15.63 31.72 7.10
N ASN B 321 -16.76 31.86 7.79
CA ASN B 321 -16.80 31.86 9.25
C ASN B 321 -17.20 30.44 9.64
N ALA B 322 -16.32 29.73 10.35
CA ALA B 322 -16.60 28.36 10.75
C ALA B 322 -16.73 28.28 12.26
N TYR B 323 -17.81 27.66 12.72
CA TYR B 323 -18.05 27.53 14.15
C TYR B 323 -18.08 26.08 14.56
N GLY B 324 -17.57 25.79 15.76
CA GLY B 324 -17.69 24.44 16.28
C GLY B 324 -16.90 24.19 17.55
N PRO B 325 -17.43 23.36 18.46
CA PRO B 325 -16.74 23.01 19.69
C PRO B 325 -15.86 21.78 19.44
N THR B 326 -14.90 21.54 20.33
CA THR B 326 -14.05 20.37 20.23
C THR B 326 -14.88 19.10 20.21
N GLU B 327 -15.99 19.12 20.94
CA GLU B 327 -16.86 17.97 21.15
C GLU B 327 -17.70 17.47 19.97
N THR B 328 -17.74 18.21 18.86
CA THR B 328 -18.44 17.71 17.69
C THR B 328 -17.50 17.68 16.49
N THR B 329 -16.26 17.27 16.73
CA THR B 329 -15.22 17.18 15.71
C THR B 329 -14.97 18.49 14.96
N ILE B 330 -14.50 19.49 15.69
CA ILE B 330 -14.04 20.75 15.14
C ILE B 330 -15.08 21.75 14.63
N CYS B 331 -15.88 21.35 13.66
CA CYS B 331 -16.77 22.30 12.98
C CYS B 331 -18.19 21.78 12.83
N ALA B 332 -19.15 22.58 13.28
CA ALA B 332 -20.56 22.22 13.17
C ALA B 332 -21.30 23.02 12.10
N THR B 333 -20.93 24.29 11.93
CA THR B 333 -21.60 25.17 10.98
C THR B 333 -20.59 26.07 10.27
N THR B 334 -20.97 26.58 9.10
CA THR B 334 -20.13 27.53 8.38
C THR B 334 -21.03 28.56 7.70
N TRP B 335 -20.47 29.74 7.47
CA TRP B 335 -21.15 30.80 6.76
C TRP B 335 -20.12 31.38 5.82
N VAL B 336 -20.49 31.51 4.55
CA VAL B 336 -19.59 32.09 3.56
C VAL B 336 -20.09 33.47 3.19
N ALA B 337 -19.20 34.45 3.21
CA ALA B 337 -19.54 35.83 2.85
C ALA B 337 -19.88 35.91 1.37
N THR B 338 -20.71 36.88 1.00
CA THR B 338 -21.15 37.03 -0.38
C THR B 338 -21.13 38.52 -0.75
N LYS B 339 -21.75 38.88 -1.88
CA LYS B 339 -21.83 40.27 -2.29
C LYS B 339 -22.83 41.06 -1.44
N GLU B 340 -23.79 40.34 -0.85
CA GLU B 340 -24.84 40.93 -0.03
C GLU B 340 -24.33 41.64 1.22
N THR B 341 -25.06 42.66 1.65
CA THR B 341 -24.72 43.46 2.83
C THR B 341 -24.64 42.59 4.10
N ILE B 342 -23.64 42.87 4.94
CA ILE B 342 -23.49 42.16 6.21
C ILE B 342 -24.16 43.00 7.29
N GLY B 343 -25.08 42.37 8.02
CA GLY B 343 -25.79 43.06 9.09
C GLY B 343 -24.92 43.39 10.30
N HIS B 344 -25.56 43.55 11.46
CA HIS B 344 -24.86 43.89 12.69
C HIS B 344 -24.02 42.75 13.25
N SER B 345 -24.25 41.54 12.74
CA SER B 345 -23.54 40.37 13.24
C SER B 345 -23.23 39.44 12.08
N VAL B 346 -22.05 38.80 12.12
CA VAL B 346 -21.69 37.83 11.11
C VAL B 346 -22.22 36.48 11.60
N PRO B 347 -23.16 35.88 10.86
CA PRO B 347 -23.75 34.59 11.26
C PRO B 347 -22.68 33.51 11.34
N ILE B 348 -22.91 32.51 12.18
CA ILE B 348 -22.03 31.36 12.20
C ILE B 348 -22.50 30.36 11.13
N GLY B 349 -23.62 30.69 10.49
CA GLY B 349 -24.08 29.94 9.34
C GLY B 349 -25.03 28.77 9.55
N ALA B 350 -24.92 27.79 8.68
CA ALA B 350 -25.79 26.62 8.68
C ALA B 350 -25.00 25.35 8.95
N PRO B 351 -25.66 24.31 9.47
CA PRO B 351 -24.97 23.05 9.77
C PRO B 351 -24.31 22.42 8.54
N ILE B 352 -23.09 21.93 8.73
CA ILE B 352 -22.38 21.26 7.65
C ILE B 352 -23.01 19.89 7.45
N GLN B 353 -22.57 19.17 6.43
CA GLN B 353 -23.16 17.88 6.09
C GLN B 353 -23.17 16.90 7.25
N ASN B 354 -24.30 16.22 7.42
CA ASN B 354 -24.49 15.20 8.45
C ASN B 354 -24.43 15.75 9.87
N THR B 355 -24.74 17.04 9.99
CA THR B 355 -24.79 17.74 11.28
C THR B 355 -26.16 18.39 11.43
N GLN B 356 -26.74 18.31 12.63
CA GLN B 356 -28.02 18.94 12.91
C GLN B 356 -27.88 19.91 14.09
N ILE B 357 -28.52 21.07 13.98
CA ILE B 357 -28.47 22.08 15.04
C ILE B 357 -29.88 22.29 15.60
N TYR B 358 -29.98 22.36 16.93
CA TYR B 358 -31.25 22.62 17.61
C TYR B 358 -31.00 23.71 18.64
N ILE B 359 -31.73 24.82 18.52
CA ILE B 359 -31.65 25.91 19.48
C ILE B 359 -32.86 25.73 20.42
N VAL B 360 -32.57 25.36 21.66
CA VAL B 360 -33.60 24.96 22.62
C VAL B 360 -33.60 25.73 23.94
N ASP B 361 -34.62 25.51 24.76
CA ASP B 361 -34.67 26.06 26.10
C ASP B 361 -34.10 25.03 27.08
N GLU B 362 -34.25 25.30 28.38
CA GLU B 362 -33.70 24.44 29.43
C GLU B 362 -34.23 23.01 29.42
N ASN B 363 -35.37 22.78 28.78
CA ASN B 363 -35.97 21.45 28.72
C ASN B 363 -35.91 20.84 27.34
N LEU B 364 -34.94 21.31 26.55
CA LEU B 364 -34.71 20.81 25.19
C LEU B 364 -35.88 21.07 24.24
N GLN B 365 -36.73 22.03 24.59
CA GLN B 365 -37.84 22.39 23.72
C GLN B 365 -37.32 23.42 22.73
N LEU B 366 -37.69 23.26 21.46
CA LEU B 366 -37.25 24.16 20.40
C LEU B 366 -37.74 25.60 20.59
N LYS B 367 -36.82 26.55 20.43
CA LYS B 367 -37.17 27.96 20.49
C LYS B 367 -37.81 28.33 19.17
N SER B 368 -38.57 29.43 19.17
CA SER B 368 -39.14 29.93 17.94
C SER B 368 -38.03 30.60 17.16
N VAL B 369 -38.20 30.72 15.85
CA VAL B 369 -37.25 31.42 15.00
C VAL B 369 -37.08 32.83 15.56
N GLY B 370 -35.83 33.27 15.70
CA GLY B 370 -35.58 34.59 16.25
C GLY B 370 -35.38 34.64 17.75
N GLU B 371 -35.73 33.56 18.45
CA GLU B 371 -35.57 33.49 19.90
C GLU B 371 -34.25 32.87 20.32
N ALA B 372 -33.59 33.49 21.30
CA ALA B 372 -32.34 32.97 21.84
C ALA B 372 -32.58 31.72 22.70
N GLY B 373 -31.65 30.76 22.59
CA GLY B 373 -31.72 29.54 23.37
C GLY B 373 -30.35 28.91 23.30
N GLU B 374 -30.17 27.75 23.92
CA GLU B 374 -28.88 27.08 23.87
C GLU B 374 -28.72 26.31 22.55
N LEU B 375 -27.60 26.51 21.87
CA LEU B 375 -27.29 25.80 20.64
C LEU B 375 -26.85 24.38 20.98
N CYS B 376 -27.57 23.40 20.44
CA CYS B 376 -27.25 22.00 20.67
C CYS B 376 -26.95 21.34 19.33
N ILE B 377 -26.03 20.39 19.34
CA ILE B 377 -25.54 19.76 18.12
C ILE B 377 -25.79 18.25 18.10
N GLY B 378 -26.24 17.76 16.95
CA GLY B 378 -26.39 16.33 16.74
C GLY B 378 -25.67 15.94 15.47
N GLY B 379 -25.41 14.65 15.26
CA GLY B 379 -24.84 14.21 14.00
C GLY B 379 -23.59 13.36 14.06
N GLU B 380 -22.92 13.22 12.91
CA GLU B 380 -21.75 12.35 12.76
C GLU B 380 -20.47 12.87 13.42
N GLY B 381 -20.47 14.15 13.80
CA GLY B 381 -19.29 14.72 14.42
C GLY B 381 -19.15 14.52 15.93
N LEU B 382 -20.24 14.12 16.59
CA LEU B 382 -20.24 13.97 18.04
C LEU B 382 -19.15 13.08 18.63
N ALA B 383 -18.43 13.64 19.61
CA ALA B 383 -17.39 12.92 20.32
C ALA B 383 -17.99 11.75 21.09
N ARG B 384 -17.14 10.80 21.45
CA ARG B 384 -17.58 9.67 22.26
C ARG B 384 -17.92 10.19 23.65
N GLY B 385 -17.25 11.27 24.05
CA GLY B 385 -17.47 11.87 25.35
C GLY B 385 -16.17 12.37 25.94
N TYR B 386 -16.14 12.49 27.27
CA TYR B 386 -14.94 12.94 27.97
C TYR B 386 -14.22 11.77 28.62
N TRP B 387 -12.91 11.72 28.42
CA TRP B 387 -12.07 10.64 28.92
C TRP B 387 -12.20 10.47 30.44
N LYS B 388 -12.70 9.31 30.83
CA LYS B 388 -12.88 8.92 32.24
C LYS B 388 -13.72 9.91 33.06
N ARG B 389 -14.68 10.55 32.42
CA ARG B 389 -15.59 11.48 33.08
C ARG B 389 -17.02 11.15 32.70
N PRO B 390 -17.53 10.02 33.19
CA PRO B 390 -18.88 9.51 32.91
C PRO B 390 -20.01 10.49 33.22
N GLU B 391 -19.96 11.11 34.39
CA GLU B 391 -21.03 12.02 34.81
C GLU B 391 -21.08 13.28 33.94
N LEU B 392 -19.92 13.90 33.69
CA LEU B 392 -19.89 15.10 32.85
C LEU B 392 -20.31 14.77 31.42
N THR B 393 -19.92 13.59 30.95
CA THR B 393 -20.30 13.12 29.62
C THR B 393 -21.83 13.05 29.50
N SER B 394 -22.49 12.42 30.47
CA SER B 394 -23.94 12.28 30.45
C SER B 394 -24.71 13.60 30.60
N GLN B 395 -24.05 14.61 31.18
CA GLN B 395 -24.65 15.93 31.36
C GLN B 395 -24.54 16.77 30.09
N LYS B 396 -23.44 16.61 29.37
CA LYS B 396 -23.19 17.38 28.15
C LYS B 396 -23.67 16.68 26.89
N PHE B 397 -23.50 15.36 26.86
CA PHE B 397 -23.96 14.53 25.75
C PHE B 397 -25.22 13.79 26.22
N VAL B 398 -26.36 14.43 26.04
CA VAL B 398 -27.63 13.89 26.49
C VAL B 398 -28.31 13.06 25.41
N ASP B 399 -29.35 12.33 25.79
CA ASP B 399 -30.14 11.58 24.82
C ASP B 399 -30.80 12.60 23.89
N ASN B 400 -30.74 12.33 22.60
CA ASN B 400 -31.28 13.23 21.58
C ASN B 400 -32.80 13.06 21.51
N PRO B 401 -33.57 14.06 21.99
CA PRO B 401 -35.02 13.90 21.91
C PRO B 401 -35.58 14.03 20.50
N PHE B 402 -34.75 14.48 19.55
CA PHE B 402 -35.18 14.71 18.17
C PHE B 402 -34.83 13.54 17.25
N VAL B 403 -33.80 12.79 17.63
CA VAL B 403 -33.38 11.62 16.89
C VAL B 403 -33.12 10.53 17.92
N PRO B 404 -34.19 9.80 18.31
CA PRO B 404 -34.10 8.72 19.29
C PRO B 404 -33.03 7.69 18.96
N GLY B 405 -32.24 7.35 19.97
CA GLY B 405 -31.13 6.42 19.76
C GLY B 405 -29.80 7.15 19.69
N GLU B 406 -29.81 8.42 19.30
CA GLU B 406 -28.59 9.20 19.19
C GLU B 406 -28.41 10.14 20.37
N LYS B 407 -27.24 10.77 20.45
CA LYS B 407 -26.94 11.74 21.51
C LYS B 407 -27.04 13.17 20.98
N LEU B 408 -27.07 14.13 21.90
CA LEU B 408 -27.15 15.55 21.59
C LEU B 408 -26.12 16.29 22.44
N TYR B 409 -25.24 17.04 21.80
CA TYR B 409 -24.25 17.80 22.55
C TYR B 409 -24.74 19.22 22.84
N LYS B 410 -24.80 19.54 24.13
CA LYS B 410 -25.22 20.87 24.57
C LYS B 410 -23.94 21.72 24.67
N THR B 411 -23.83 22.72 23.80
CA THR B 411 -22.61 23.51 23.69
C THR B 411 -22.36 24.55 24.79
N GLY B 412 -23.42 25.04 25.41
CA GLY B 412 -23.24 26.11 26.37
C GLY B 412 -23.20 27.45 25.66
N ASP B 413 -23.43 27.45 24.34
CA ASP B 413 -23.49 28.68 23.58
C ASP B 413 -24.94 29.12 23.39
N GLN B 414 -25.15 30.43 23.41
CA GLN B 414 -26.45 31.03 23.16
C GLN B 414 -26.48 31.42 21.68
N ALA B 415 -27.61 31.20 21.03
CA ALA B 415 -27.75 31.55 19.62
C ALA B 415 -29.22 31.64 19.27
N ARG B 416 -29.49 32.07 18.05
CA ARG B 416 -30.84 32.09 17.53
C ARG B 416 -30.85 31.89 16.02
N TRP B 417 -31.95 31.32 15.52
CA TRP B 417 -32.14 31.14 14.09
C TRP B 417 -32.64 32.43 13.48
N LEU B 418 -32.01 32.82 12.37
CA LEU B 418 -32.54 33.89 11.55
C LEU B 418 -33.51 33.16 10.60
N SER B 419 -34.24 33.88 9.77
CA SER B 419 -35.19 33.22 8.88
C SER B 419 -34.61 32.89 7.50
N ASP B 420 -33.34 33.25 7.29
CA ASP B 420 -32.68 32.97 6.02
C ASP B 420 -31.85 31.68 6.02
N GLY B 421 -32.08 30.83 7.01
CA GLY B 421 -31.35 29.57 7.11
C GLY B 421 -30.04 29.64 7.88
N ASN B 422 -29.73 30.82 8.42
CA ASN B 422 -28.48 31.03 9.15
C ASN B 422 -28.69 31.16 10.67
N ILE B 423 -27.70 30.71 11.42
CA ILE B 423 -27.70 30.83 12.88
C ILE B 423 -26.89 32.07 13.27
N GLU B 424 -27.37 32.78 14.28
CA GLU B 424 -26.64 33.93 14.81
C GLU B 424 -26.09 33.53 16.17
N TYR B 425 -24.77 33.66 16.34
CA TYR B 425 -24.11 33.35 17.59
C TYR B 425 -24.31 34.54 18.53
N LEU B 426 -24.70 34.26 19.76
CA LEU B 426 -25.01 35.31 20.74
C LEU B 426 -24.11 35.26 21.97
N GLY B 427 -23.10 34.41 21.96
CA GLY B 427 -22.17 34.34 23.07
C GLY B 427 -22.35 33.16 24.00
N ARG B 428 -21.45 33.05 24.96
CA ARG B 428 -21.50 31.97 25.95
C ARG B 428 -22.57 32.27 26.99
N ILE B 429 -23.30 31.24 27.41
CA ILE B 429 -24.32 31.38 28.43
C ILE B 429 -23.69 31.83 29.76
N ASP B 430 -22.44 31.42 30.01
CA ASP B 430 -21.72 31.82 31.21
C ASP B 430 -21.43 33.32 31.25
N ASN B 431 -21.24 33.92 30.08
CA ASN B 431 -20.94 35.34 30.00
C ASN B 431 -22.18 36.22 30.13
N GLN B 432 -23.29 35.63 30.55
CA GLN B 432 -24.51 36.39 30.80
C GLN B 432 -24.53 36.75 32.27
N VAL B 433 -24.29 38.02 32.58
CA VAL B 433 -24.24 38.49 33.95
C VAL B 433 -25.40 39.44 34.22
N LYS B 434 -25.80 39.55 35.47
CA LYS B 434 -26.88 40.48 35.84
C LYS B 434 -26.28 41.76 36.45
N ILE B 435 -26.73 42.91 35.94
CA ILE B 435 -26.27 44.21 36.41
C ILE B 435 -27.45 45.17 36.54
N ARG B 436 -27.70 45.62 37.77
CA ARG B 436 -28.84 46.49 38.08
C ARG B 436 -30.12 45.78 37.66
N GLY B 437 -30.25 44.53 38.09
CA GLY B 437 -31.41 43.72 37.74
C GLY B 437 -31.37 43.19 36.33
N HIS B 438 -30.98 44.04 35.38
CA HIS B 438 -30.95 43.70 33.97
C HIS B 438 -29.88 42.65 33.59
N ARG B 439 -30.26 41.72 32.73
CA ARG B 439 -29.34 40.70 32.23
C ARG B 439 -28.50 41.30 31.09
N VAL B 440 -27.20 41.01 31.11
CA VAL B 440 -26.28 41.54 30.11
C VAL B 440 -25.44 40.43 29.52
N GLU B 441 -25.28 40.46 28.20
CA GLU B 441 -24.44 39.49 27.52
C GLU B 441 -23.14 40.20 27.16
N LEU B 442 -22.04 39.75 27.77
CA LEU B 442 -20.74 40.39 27.57
C LEU B 442 -20.36 40.55 26.11
N GLU B 443 -20.69 39.54 25.29
CA GLU B 443 -20.37 39.58 23.87
C GLU B 443 -21.07 40.69 23.10
N GLU B 444 -22.26 41.06 23.56
CA GLU B 444 -22.99 42.14 22.88
C GLU B 444 -22.32 43.48 23.17
N VAL B 445 -21.87 43.69 24.40
CA VAL B 445 -21.19 44.94 24.75
C VAL B 445 -19.91 45.02 23.91
N GLU B 446 -19.20 43.90 23.81
CA GLU B 446 -17.97 43.82 23.02
C GLU B 446 -18.20 44.15 21.55
N SER B 447 -19.20 43.52 20.94
CA SER B 447 -19.48 43.74 19.53
C SER B 447 -19.93 45.17 19.24
N ILE B 448 -20.76 45.72 20.13
CA ILE B 448 -21.23 47.09 19.95
C ILE B 448 -20.09 48.10 20.07
N LEU B 449 -19.22 47.92 21.05
CA LEU B 449 -18.06 48.81 21.23
C LEU B 449 -17.13 48.74 20.05
N LEU B 450 -16.98 47.52 19.50
CA LEU B 450 -16.11 47.31 18.36
C LEU B 450 -16.54 48.13 17.16
N LYS B 451 -17.81 48.53 17.09
CA LYS B 451 -18.29 49.35 15.98
C LYS B 451 -17.57 50.69 15.89
N HIS B 452 -16.98 51.13 17.00
CA HIS B 452 -16.24 52.38 17.01
C HIS B 452 -15.18 52.35 15.93
N MET B 453 -15.29 53.28 15.01
CA MET B 453 -14.42 53.45 13.86
C MET B 453 -12.92 53.30 14.11
N TYR B 454 -12.47 53.58 15.32
CA TYR B 454 -11.04 53.51 15.63
C TYR B 454 -10.60 52.39 16.56
N ILE B 455 -11.56 51.61 17.04
CA ILE B 455 -11.28 50.48 17.91
C ILE B 455 -11.14 49.21 17.06
N SER B 456 -10.00 48.52 17.16
CA SER B 456 -9.80 47.31 16.37
C SER B 456 -10.17 46.02 17.10
N GLU B 457 -10.09 46.03 18.43
CA GLU B 457 -10.43 44.86 19.22
C GLU B 457 -11.04 45.30 20.55
N THR B 458 -11.92 44.47 21.09
CA THR B 458 -12.58 44.75 22.37
C THR B 458 -12.72 43.48 23.19
N ALA B 459 -12.82 43.64 24.50
CA ALA B 459 -13.08 42.54 25.43
C ALA B 459 -13.75 43.14 26.66
N VAL B 460 -14.78 42.48 27.17
CA VAL B 460 -15.51 42.99 28.32
C VAL B 460 -15.53 41.96 29.42
N SER B 461 -15.25 42.41 30.64
CA SER B 461 -15.23 41.56 31.83
C SER B 461 -16.18 42.09 32.88
N VAL B 462 -16.51 41.23 33.83
CA VAL B 462 -17.36 41.61 34.95
C VAL B 462 -16.54 41.43 36.22
N HIS B 463 -16.65 42.40 37.12
CA HIS B 463 -16.00 42.32 38.42
C HIS B 463 -17.00 42.80 39.45
N LYS B 464 -16.65 42.69 40.72
CA LYS B 464 -17.50 43.18 41.79
C LYS B 464 -16.73 44.22 42.58
N ASP B 465 -17.40 45.32 42.93
CA ASP B 465 -16.77 46.41 43.68
C ASP B 465 -16.71 46.09 45.16
N HIS B 466 -16.16 47.01 45.95
CA HIS B 466 -16.02 46.82 47.39
C HIS B 466 -17.32 46.45 48.11
N GLN B 467 -18.46 46.85 47.55
CA GLN B 467 -19.76 46.48 48.12
C GLN B 467 -20.35 45.25 47.43
N GLU B 468 -19.46 44.44 46.85
CA GLU B 468 -19.82 43.18 46.19
C GLU B 468 -20.82 43.26 45.03
N GLN B 469 -21.02 44.46 44.50
CA GLN B 469 -21.92 44.65 43.36
C GLN B 469 -21.13 44.53 42.04
N PRO B 470 -21.73 43.88 41.03
CA PRO B 470 -21.08 43.69 39.73
C PRO B 470 -21.00 44.95 38.87
N TYR B 471 -19.96 45.02 38.05
CA TYR B 471 -19.79 46.14 37.12
C TYR B 471 -18.98 45.68 35.91
N LEU B 472 -19.16 46.39 34.80
CA LEU B 472 -18.50 46.04 33.55
C LEU B 472 -17.22 46.84 33.29
N CYS B 473 -16.20 46.14 32.83
CA CYS B 473 -14.96 46.77 32.40
C CYS B 473 -14.76 46.42 30.94
N ALA B 474 -14.54 47.44 30.13
CA ALA B 474 -14.30 47.23 28.70
C ALA B 474 -12.83 47.50 28.40
N TYR B 475 -12.20 46.57 27.68
CA TYR B 475 -10.81 46.69 27.26
C TYR B 475 -10.82 46.80 25.74
N PHE B 476 -9.95 47.65 25.20
CA PHE B 476 -9.93 47.84 23.77
C PHE B 476 -8.54 48.18 23.27
N VAL B 477 -8.35 47.99 21.97
CA VAL B 477 -7.09 48.28 21.29
C VAL B 477 -7.42 49.27 20.17
N SER B 478 -6.57 50.28 20.02
CA SER B 478 -6.75 51.31 19.01
C SER B 478 -5.40 51.89 18.62
N GLU B 479 -5.23 52.26 17.36
CA GLU B 479 -4.00 52.92 16.91
C GLU B 479 -3.94 54.34 17.48
N LYS B 480 -5.11 54.87 17.80
CA LYS B 480 -5.25 56.19 18.41
C LYS B 480 -5.47 56.07 19.91
N HIS B 481 -5.06 57.08 20.67
CA HIS B 481 -5.41 57.11 22.08
C HIS B 481 -6.81 57.72 22.09
N ILE B 482 -7.81 56.92 22.43
CA ILE B 482 -9.18 57.41 22.44
C ILE B 482 -9.55 58.06 23.76
N PRO B 483 -10.08 59.30 23.71
CA PRO B 483 -10.48 60.02 24.93
C PRO B 483 -11.69 59.36 25.60
N LEU B 484 -11.54 59.06 26.90
CA LEU B 484 -12.59 58.41 27.68
C LEU B 484 -13.95 59.09 27.53
N GLU B 485 -13.95 60.41 27.32
CA GLU B 485 -15.18 61.15 27.13
C GLU B 485 -15.94 60.63 25.91
N GLN B 486 -15.22 60.39 24.81
CA GLN B 486 -15.86 59.89 23.59
C GLN B 486 -16.36 58.46 23.78
N LEU B 487 -15.62 57.69 24.58
CA LEU B 487 -16.01 56.32 24.89
C LEU B 487 -17.31 56.28 25.68
N ARG B 488 -17.47 57.22 26.62
CA ARG B 488 -18.72 57.31 27.38
C ARG B 488 -19.86 57.79 26.48
N GLN B 489 -19.57 58.77 25.62
CA GLN B 489 -20.57 59.30 24.71
C GLN B 489 -21.04 58.22 23.74
N PHE B 490 -20.08 57.59 23.07
CA PHE B 490 -20.35 56.52 22.12
C PHE B 490 -21.19 55.42 22.77
N SER B 491 -20.81 55.02 23.99
CA SER B 491 -21.54 54.00 24.75
C SER B 491 -22.95 54.44 25.10
N SER B 492 -23.11 55.71 25.42
CA SER B 492 -24.41 56.29 25.78
C SER B 492 -25.39 56.19 24.60
N GLU B 493 -24.86 56.32 23.39
CA GLU B 493 -25.68 56.30 22.18
C GLU B 493 -25.95 54.89 21.66
N GLU B 494 -25.01 53.99 21.92
CA GLU B 494 -25.08 52.64 21.38
C GLU B 494 -25.59 51.57 22.32
N LEU B 495 -25.46 51.83 23.62
CA LEU B 495 -25.81 50.83 24.63
C LEU B 495 -26.84 51.30 25.63
N PRO B 496 -27.70 50.37 26.10
CA PRO B 496 -28.66 50.74 27.13
C PRO B 496 -27.81 51.10 28.36
N THR B 497 -28.31 51.97 29.21
CA THR B 497 -27.54 52.45 30.36
C THR B 497 -26.89 51.38 31.24
N TYR B 498 -27.58 50.28 31.48
CA TYR B 498 -27.04 49.20 32.33
C TYR B 498 -25.93 48.40 31.64
N MET B 499 -25.73 48.66 30.36
CA MET B 499 -24.69 47.96 29.59
C MET B 499 -23.46 48.83 29.36
N ILE B 500 -23.52 50.07 29.81
CA ILE B 500 -22.38 50.98 29.67
C ILE B 500 -21.29 50.59 30.68
N PRO B 501 -20.08 50.27 30.19
CA PRO B 501 -18.97 49.88 31.06
C PRO B 501 -18.63 51.00 32.02
N SER B 502 -18.41 50.64 33.29
CA SER B 502 -18.03 51.62 34.30
C SER B 502 -16.58 52.06 34.11
N TYR B 503 -15.76 51.18 33.53
CA TYR B 503 -14.35 51.46 33.30
C TYR B 503 -13.91 51.04 31.90
N PHE B 504 -13.21 51.92 31.20
CA PHE B 504 -12.66 51.62 29.89
C PHE B 504 -11.16 51.56 30.06
N ILE B 505 -10.54 50.54 29.47
CA ILE B 505 -9.10 50.37 29.59
C ILE B 505 -8.49 50.06 28.25
N GLN B 506 -7.61 50.95 27.79
CA GLN B 506 -6.92 50.73 26.53
C GLN B 506 -5.67 49.89 26.76
N LEU B 507 -5.56 48.80 26.01
CA LEU B 507 -4.41 47.91 26.11
C LEU B 507 -3.66 48.01 24.79
N ASP B 508 -2.34 47.87 24.85
CA ASP B 508 -1.53 47.91 23.63
C ASP B 508 -1.79 46.66 22.79
N LYS B 509 -2.06 45.55 23.47
CA LYS B 509 -2.38 44.30 22.78
C LYS B 509 -3.30 43.47 23.65
N MET B 510 -4.19 42.72 23.01
CA MET B 510 -5.10 41.81 23.71
C MET B 510 -4.36 40.57 24.15
N PRO B 511 -4.53 40.17 25.42
CA PRO B 511 -3.88 38.95 25.94
C PRO B 511 -4.62 37.72 25.38
N LEU B 512 -3.88 36.84 24.73
CA LEU B 512 -4.46 35.66 24.11
C LEU B 512 -3.90 34.40 24.72
N THR B 513 -4.71 33.35 24.77
CA THR B 513 -4.23 32.06 25.24
C THR B 513 -3.57 31.36 24.06
N SER B 514 -3.05 30.16 24.28
CA SER B 514 -2.33 29.40 23.26
C SER B 514 -3.18 29.05 22.02
N ASN B 515 -4.50 29.03 22.20
CA ASN B 515 -5.42 28.70 21.11
C ASN B 515 -5.91 29.95 20.36
N GLY B 516 -5.40 31.10 20.79
CA GLY B 516 -5.69 32.34 20.10
C GLY B 516 -6.94 33.08 20.56
N LYS B 517 -7.52 32.63 21.65
CA LYS B 517 -8.73 33.25 22.18
C LYS B 517 -8.32 34.22 23.29
N ILE B 518 -9.16 35.19 23.60
CA ILE B 518 -8.76 36.15 24.62
C ILE B 518 -8.68 35.52 26.01
N ASP B 519 -7.62 35.87 26.73
CA ASP B 519 -7.39 35.34 28.06
C ASP B 519 -7.97 36.33 29.06
N ARG B 520 -9.20 36.08 29.50
CA ARG B 520 -9.86 37.00 30.43
C ARG B 520 -9.10 37.25 31.72
N LYS B 521 -8.33 36.26 32.18
CA LYS B 521 -7.56 36.42 33.41
C LYS B 521 -6.25 37.19 33.27
N GLN B 522 -6.01 37.76 32.09
CA GLN B 522 -4.84 38.63 31.89
C GLN B 522 -5.31 40.06 31.66
N LEU B 523 -6.62 40.27 31.77
CA LEU B 523 -7.20 41.59 31.65
C LEU B 523 -7.15 42.22 33.04
N PRO B 524 -6.32 43.27 33.23
CA PRO B 524 -6.16 43.94 34.52
C PRO B 524 -7.46 44.47 35.11
N GLU B 525 -7.75 44.04 36.33
CA GLU B 525 -8.94 44.50 37.05
C GLU B 525 -8.69 45.89 37.64
N PRO B 526 -9.61 46.84 37.43
CA PRO B 526 -9.41 48.18 37.97
C PRO B 526 -9.26 48.24 39.50
N ASP B 527 -8.37 49.14 39.93
CA ASP B 527 -8.09 49.36 41.34
C ASP B 527 -9.09 50.35 41.91
N LEU B 528 -10.12 49.84 42.59
CA LEU B 528 -11.15 50.70 43.16
C LEU B 528 -10.77 51.07 44.58
N THR B 529 -9.56 51.59 44.75
CA THR B 529 -9.04 51.93 46.06
C THR B 529 -9.52 53.32 46.52
N PHE B 530 -9.27 54.35 45.70
CA PHE B 530 -9.69 55.72 45.97
C PHE B 530 -10.75 55.90 47.06
MG MG C . 8.10 -32.80 -13.85
S SO4 D . -5.48 -40.82 -8.26
O1 SO4 D . -4.40 -40.06 -8.57
O2 SO4 D . -5.40 -42.03 -8.97
O3 SO4 D . -5.50 -41.05 -6.93
O4 SO4 D . -6.62 -40.18 -8.60
N PHE E . 10.96 -26.32 -14.17
CA PHE E . 11.37 -26.42 -15.60
C PHE E . 10.90 -27.74 -16.17
O PHE E . 11.47 -28.20 -17.19
CB PHE E . 12.89 -26.29 -15.72
CG PHE E . 13.40 -24.91 -15.39
CD1 PHE E . 12.89 -23.79 -16.03
CD2 PHE E . 14.41 -24.75 -14.45
CE1 PHE E . 13.39 -22.51 -15.74
CE2 PHE E . 14.91 -23.49 -14.14
CZ PHE E . 14.40 -22.36 -14.79
OXT PHE E . 9.96 -28.31 -15.58
P AMP F . 8.44 -30.86 -16.47
O1P AMP F . 8.29 -30.85 -14.99
O2P AMP F . 7.68 -31.92 -17.13
O3P AMP F . 8.28 -29.54 -17.14
O5' AMP F . 9.92 -31.38 -16.82
C5' AMP F . 11.01 -31.41 -15.88
C4' AMP F . 12.11 -32.30 -16.44
O4' AMP F . 12.87 -31.60 -17.44
C3' AMP F . 13.14 -32.69 -15.42
O3' AMP F . 12.70 -33.74 -14.56
C2' AMP F . 14.31 -33.14 -16.31
O2' AMP F . 14.18 -34.49 -16.78
C1' AMP F . 14.21 -32.10 -17.41
N9 AMP F . 15.15 -31.01 -17.13
C8 AMP F . 14.89 -29.81 -16.55
N7 AMP F . 16.02 -29.08 -16.48
C5 AMP F . 16.94 -29.86 -17.04
C6 AMP F . 18.30 -29.57 -17.16
N6 AMP F . 18.84 -28.41 -16.80
N1 AMP F . 19.06 -30.55 -17.69
C2 AMP F . 18.54 -31.72 -18.08
N3 AMP F . 17.26 -31.99 -17.97
C4 AMP F . 16.44 -31.07 -17.45
MG MG G . -15.94 23.28 23.20
S SO4 H . -17.11 12.57 36.31
O1 SO4 H . -15.89 11.97 36.23
O2 SO4 H . -17.28 13.11 37.56
O3 SO4 H . -17.22 13.61 35.33
O4 SO4 H . -17.99 11.69 36.10
N PHE I . -13.19 23.61 17.07
CA PHE I . -12.59 24.97 17.22
C PHE I . -12.78 25.45 18.65
O PHE I . -12.73 26.68 18.89
CB PHE I . -13.22 25.94 16.23
CG PHE I . -12.91 25.62 14.78
CD1 PHE I . -11.59 25.52 14.35
CD2 PHE I . -13.94 25.46 13.85
CE1 PHE I . -11.30 25.26 13.01
CE2 PHE I . -13.66 25.20 12.52
CZ PHE I . -12.33 25.10 12.09
OXT PHE I . -12.99 24.58 19.51
P AMP J . -13.17 24.80 22.59
O1P AMP J . -13.98 23.60 22.29
O2P AMP J . -12.92 24.99 24.03
O3P AMP J . -11.92 24.94 21.81
O5' AMP J . -14.10 26.10 22.32
C5' AMP J . -15.26 26.08 21.45
C4' AMP J . -16.01 27.38 21.59
O4' AMP J . -15.37 28.45 20.90
C3' AMP J . -17.37 27.25 20.99
O3' AMP J . -18.31 26.65 21.85
C2' AMP J . -17.71 28.71 20.78
O2' AMP J . -18.12 29.37 21.98
C1' AMP J . -16.39 29.28 20.31
N9 AMP J . -16.41 29.42 18.84
C8 AMP J . -15.92 28.55 17.92
N7 AMP J . -16.09 29.05 16.69
C5 AMP J . -16.69 30.22 16.86
C6 AMP J . -17.06 31.13 15.88
N6 AMP J . -16.82 30.93 14.59
N1 AMP J . -17.71 32.24 16.28
C2 AMP J . -17.96 32.46 17.57
N3 AMP J . -17.57 31.60 18.53
C4 AMP J . -16.92 30.47 18.20
#